data_3UYL
#
_entry.id   3UYL
#
_cell.length_a   54.152
_cell.length_b   57.629
_cell.length_c   68.203
_cell.angle_alpha   81.63
_cell.angle_beta   73.79
_cell.angle_gamma   85.74
#
_symmetry.space_group_name_H-M   'P 1'
#
loop_
_entity.id
_entity.type
_entity.pdbx_description
1 polymer NDP-rhamnosyltransferase
2 non-polymer "THYMIDINE-5'-DIPHOSPHATE"
3 non-polymer 'MAGNESIUM ION'
4 non-polymer alpha-D-glucopyranose
5 water water
#
_entity_poly.entity_id   1
_entity_poly.type   'polypeptide(L)'
_entity_poly.pdbx_seq_one_letter_code
;HMRVLVVPLPYPTHLMAMVPLCWALQASGHEVLIAAPPELQATAHGAGLTTAGIRGNDRTGDTGGTTQLRFPNPAFGQRD
TEAGRQLWEQTASNVAQSSLDQLPEYLRLAEAWRPSVLLVDVCALIGRVLGGLLDLPVVLHRWGVDPTAGPFSDRAHELL
DPVCRHHGLTGLPTPELILDPCPPSLQASDAPQGAPVQYVPYNGSGAFPAWGAARTSARRVCICMGRMVLNATGPAPLLR
AVAAATELPGVEAVIAVPPEHRALLTDLPDNARIAESVPLNLFLRTCELVICAGGSGTAFTATRLGIPQLVLPQYFDQFD
YARNLAAAGAGICLPDEQAQSDHEQFTDSIATVLGDTGFAAAAIKLSDEITAMPHPAALVRTLENTA
;
_entity_poly.pdbx_strand_id   A,B
#
# COMPACT_ATOMS: atom_id res chain seq x y z
N HIS A 1 13.82 -13.94 -7.62
CA HIS A 1 12.81 -13.77 -6.53
C HIS A 1 13.41 -13.34 -5.22
N MET A 2 12.95 -12.20 -4.67
CA MET A 2 13.61 -11.75 -3.44
C MET A 2 12.65 -11.79 -2.27
N ARG A 3 13.22 -11.98 -1.10
CA ARG A 3 12.55 -11.75 0.14
C ARG A 3 13.29 -10.58 0.81
N VAL A 4 12.59 -9.45 0.91
CA VAL A 4 13.22 -8.22 1.29
C VAL A 4 12.82 -7.90 2.68
N LEU A 5 13.77 -7.91 3.64
CA LEU A 5 13.48 -7.42 4.98
C LEU A 5 13.91 -5.96 5.12
N VAL A 6 12.95 -5.17 5.58
CA VAL A 6 13.07 -3.75 5.61
C VAL A 6 13.36 -3.42 7.05
N VAL A 7 14.39 -2.62 7.28
CA VAL A 7 14.83 -2.32 8.65
C VAL A 7 14.89 -0.80 8.83
N PRO A 8 13.78 -0.17 9.19
CA PRO A 8 13.77 1.30 9.41
C PRO A 8 14.11 1.64 10.85
N LEU A 9 14.46 2.90 11.09
CA LEU A 9 14.44 3.43 12.45
C LEU A 9 13.01 3.66 12.91
N PRO A 10 12.76 3.69 14.25
CA PRO A 10 11.39 3.90 14.66
C PRO A 10 10.84 5.32 14.44
N TYR A 11 11.03 5.83 13.21
CA TYR A 11 10.42 7.10 12.80
C TYR A 11 9.58 6.91 11.57
N PRO A 12 8.28 7.26 11.68
CA PRO A 12 7.34 7.03 10.57
C PRO A 12 7.80 7.51 9.22
N THR A 13 8.28 8.76 9.13
CA THR A 13 8.70 9.27 7.82
C THR A 13 9.89 8.51 7.19
N HIS A 14 10.77 7.88 7.99
CA HIS A 14 11.85 7.05 7.33
C HIS A 14 11.26 5.83 6.62
N LEU A 15 10.25 5.25 7.24
CA LEU A 15 9.51 4.14 6.63
C LEU A 15 8.66 4.61 5.45
N MET A 16 7.84 5.65 5.67
CA MET A 16 7.14 6.27 4.53
C MET A 16 8.01 6.58 3.31
N ALA A 17 9.27 7.01 3.52
CA ALA A 17 10.20 7.23 2.40
C ALA A 17 10.47 6.01 1.55
N MET A 18 10.33 4.81 2.15
CA MET A 18 10.53 3.55 1.45
C MET A 18 9.27 2.96 0.92
N VAL A 19 8.09 3.46 1.34
CA VAL A 19 6.83 2.83 0.90
C VAL A 19 6.67 2.60 -0.63
N PRO A 20 6.93 3.62 -1.49
CA PRO A 20 6.86 3.35 -2.92
C PRO A 20 7.84 2.28 -3.46
N LEU A 21 9.10 2.23 -2.94
CA LEU A 21 9.95 1.11 -3.28
C LEU A 21 9.33 -0.19 -2.78
N CYS A 22 8.69 -0.23 -1.59
CA CYS A 22 8.15 -1.53 -1.14
C CYS A 22 7.05 -2.01 -2.10
N TRP A 23 6.18 -1.07 -2.46
CA TRP A 23 5.10 -1.36 -3.43
C TRP A 23 5.67 -1.85 -4.72
N ALA A 24 6.69 -1.16 -5.22
CA ALA A 24 7.33 -1.54 -6.48
C ALA A 24 7.81 -3.00 -6.38
N LEU A 25 8.45 -3.36 -5.27
CA LEU A 25 8.93 -4.73 -5.11
C LEU A 25 7.78 -5.75 -5.23
N GLN A 26 6.69 -5.46 -4.52
CA GLN A 26 5.54 -6.35 -4.45
C GLN A 26 4.86 -6.44 -5.79
N ALA A 27 4.71 -5.29 -6.45
CA ALA A 27 4.06 -5.20 -7.73
C ALA A 27 4.85 -5.99 -8.77
N SER A 28 6.14 -6.20 -8.56
CA SER A 28 6.96 -6.98 -9.52
C SER A 28 7.21 -8.45 -9.00
N GLY A 29 6.44 -8.88 -8.01
CA GLY A 29 6.41 -10.27 -7.61
C GLY A 29 7.31 -10.62 -6.44
N HIS A 30 7.99 -9.67 -5.81
CA HIS A 30 8.81 -10.03 -4.66
C HIS A 30 8.02 -9.93 -3.34
N GLU A 31 8.57 -10.53 -2.28
CA GLU A 31 8.00 -10.44 -0.92
C GLU A 31 8.77 -9.40 -0.09
N VAL A 32 8.02 -8.69 0.75
CA VAL A 32 8.57 -7.63 1.56
C VAL A 32 7.99 -7.79 2.96
N LEU A 33 8.85 -7.63 3.97
CA LEU A 33 8.39 -7.67 5.33
C LEU A 33 9.04 -6.53 6.08
N ILE A 34 8.26 -5.81 6.90
CA ILE A 34 8.84 -4.73 7.69
C ILE A 34 9.10 -5.17 9.11
N ALA A 35 10.37 -5.13 9.53
CA ALA A 35 10.68 -5.29 10.96
C ALA A 35 10.26 -3.98 11.67
N ALA A 36 9.16 -4.04 12.43
CA ALA A 36 8.58 -2.87 13.01
C ALA A 36 8.54 -2.89 14.52
N PRO A 37 9.21 -1.94 15.19
CA PRO A 37 8.86 -1.71 16.61
C PRO A 37 7.47 -1.14 16.67
N PRO A 38 6.85 -1.07 17.89
CA PRO A 38 5.49 -0.52 18.13
C PRO A 38 5.22 0.80 17.41
N GLU A 39 6.18 1.72 17.45
CA GLU A 39 5.96 3.05 16.87
C GLU A 39 5.78 2.97 15.36
N LEU A 40 6.22 1.89 14.73
CA LEU A 40 6.10 1.80 13.27
C LEU A 40 4.91 1.01 12.75
N GLN A 41 4.29 0.25 13.63
CA GLN A 41 3.27 -0.75 13.30
C GLN A 41 2.15 -0.10 12.42
N ALA A 42 1.56 0.98 12.93
CA ALA A 42 0.49 1.69 12.23
C ALA A 42 0.91 2.27 10.85
N THR A 43 2.09 2.89 10.76
CA THR A 43 2.54 3.35 9.45
C THR A 43 2.67 2.20 8.42
N ALA A 44 3.31 1.11 8.84
CA ALA A 44 3.50 -0.04 7.92
C ALA A 44 2.14 -0.56 7.47
N HIS A 45 1.29 -0.89 8.42
CA HIS A 45 -0.06 -1.39 8.11
C HIS A 45 -0.91 -0.41 7.38
N GLY A 46 -0.73 0.89 7.69
CA GLY A 46 -1.48 1.94 6.98
C GLY A 46 -1.14 2.10 5.50
N ALA A 47 -0.03 1.49 5.07
CA ALA A 47 0.40 1.50 3.69
C ALA A 47 0.14 0.17 3.02
N GLY A 48 -0.60 -0.69 3.70
CA GLY A 48 -0.81 -2.06 3.13
C GLY A 48 0.30 -3.10 3.38
N LEU A 49 1.31 -2.75 4.18
CA LEU A 49 2.47 -3.63 4.34
C LEU A 49 2.31 -4.61 5.47
N THR A 50 3.06 -5.71 5.44
CA THR A 50 3.08 -6.65 6.59
C THR A 50 4.35 -6.46 7.42
N THR A 51 4.25 -6.86 8.70
CA THR A 51 5.24 -6.51 9.75
C THR A 51 5.74 -7.79 10.47
N ALA A 52 6.96 -7.76 10.97
CA ALA A 52 7.38 -8.65 12.07
C ALA A 52 7.64 -7.74 13.29
N GLY A 53 7.03 -8.03 14.42
CA GLY A 53 7.10 -7.19 15.62
C GLY A 53 8.47 -7.17 16.31
N ILE A 54 8.91 -5.99 16.67
CA ILE A 54 10.19 -5.84 17.36
C ILE A 54 9.85 -5.05 18.63
N ARG A 55 10.36 -5.57 19.75
CA ARG A 55 10.61 -4.83 20.99
C ARG A 55 9.57 -5.17 22.03
N ARG A 70 15.60 24.19 23.90
CA ARG A 70 15.56 22.84 23.35
C ARG A 70 15.35 22.92 21.81
N PHE A 71 14.25 23.51 21.30
CA PHE A 71 14.03 23.64 19.82
C PHE A 71 13.62 25.03 19.30
N PRO A 72 14.05 25.40 18.07
CA PRO A 72 15.03 24.72 17.19
C PRO A 72 16.42 24.60 17.86
N ASN A 73 17.18 23.59 17.44
CA ASN A 73 18.57 23.47 17.79
C ASN A 73 19.52 23.53 16.55
N PRO A 74 19.97 24.75 16.17
CA PRO A 74 20.93 24.92 15.02
C PRO A 74 22.24 24.10 15.08
N ALA A 75 22.67 23.60 16.25
CA ALA A 75 23.87 22.77 16.31
C ALA A 75 23.74 21.54 15.37
N PHE A 76 22.52 21.03 15.13
CA PHE A 76 22.41 19.90 14.16
C PHE A 76 22.94 20.19 12.79
N GLY A 77 22.86 21.45 12.29
CA GLY A 77 23.49 21.79 10.99
C GLY A 77 24.86 22.45 11.12
N GLN A 78 25.57 22.20 12.21
CA GLN A 78 26.89 22.77 12.49
C GLN A 78 27.82 21.59 12.91
N ARG A 79 27.95 20.62 12.00
CA ARG A 79 28.76 19.43 12.26
C ARG A 79 30.27 19.70 12.35
N ASP A 80 30.69 20.87 11.89
CA ASP A 80 32.07 21.33 12.04
C ASP A 80 32.31 21.99 13.40
N THR A 81 31.32 22.06 14.31
CA THR A 81 31.59 22.56 15.66
C THR A 81 31.57 21.45 16.73
N GLU A 82 31.99 21.78 17.94
CA GLU A 82 32.05 20.77 19.01
C GLU A 82 30.64 20.35 19.35
N ALA A 83 29.76 21.32 19.52
CA ALA A 83 28.40 21.07 19.97
C ALA A 83 27.64 20.26 18.89
N GLY A 84 27.98 20.50 17.63
CA GLY A 84 27.28 19.85 16.51
C GLY A 84 27.75 18.40 16.48
N ARG A 85 29.05 18.18 16.60
CA ARG A 85 29.69 16.86 16.58
C ARG A 85 29.16 16.03 17.74
N GLN A 86 29.01 16.65 18.90
CA GLN A 86 28.46 15.92 20.07
C GLN A 86 27.03 15.44 19.85
N LEU A 87 26.24 16.23 19.13
CA LEU A 87 24.86 15.89 18.97
C LEU A 87 24.73 14.69 18.02
N TRP A 88 25.57 14.66 16.97
CA TRP A 88 25.50 13.52 16.05
C TRP A 88 26.11 12.31 16.65
N GLU A 89 27.15 12.49 17.47
CA GLU A 89 27.78 11.35 18.19
C GLU A 89 26.82 10.67 19.18
N GLN A 90 26.05 11.46 19.94
CA GLN A 90 25.09 10.89 20.90
C GLN A 90 24.01 10.14 20.13
N THR A 91 23.63 10.68 18.97
CA THR A 91 22.64 9.99 18.16
C THR A 91 23.22 8.66 17.71
N ALA A 92 24.51 8.64 17.35
CA ALA A 92 25.08 7.35 16.90
C ALA A 92 25.26 6.40 18.10
N SER A 93 25.66 6.96 19.24
CA SER A 93 25.69 6.18 20.46
C SER A 93 24.32 5.50 20.76
N ASN A 94 23.23 6.28 20.67
CA ASN A 94 21.90 5.72 21.05
C ASN A 94 21.50 4.63 20.11
N VAL A 95 21.68 4.88 18.81
CA VAL A 95 21.38 3.86 17.83
C VAL A 95 22.25 2.58 17.99
N ALA A 96 23.56 2.73 18.26
CA ALA A 96 24.47 1.54 18.47
C ALA A 96 24.02 0.67 19.66
N GLN A 97 23.64 1.32 20.76
CA GLN A 97 23.21 0.67 21.98
C GLN A 97 21.92 -0.12 21.71
N SER A 98 20.96 0.50 21.03
CA SER A 98 19.73 -0.26 20.70
C SER A 98 20.03 -1.42 19.80
N SER A 99 21.01 -1.26 18.88
CA SER A 99 21.43 -2.37 18.01
C SER A 99 21.88 -3.59 18.84
N LEU A 100 22.66 -3.36 19.90
CA LEU A 100 23.03 -4.46 20.82
C LEU A 100 21.82 -4.97 21.60
N ASP A 101 20.98 -4.09 22.11
CA ASP A 101 19.74 -4.57 22.76
C ASP A 101 18.95 -5.52 21.85
N GLN A 102 18.71 -5.12 20.60
CA GLN A 102 17.76 -5.81 19.73
C GLN A 102 18.31 -6.88 18.79
N LEU A 103 19.62 -6.99 18.61
CA LEU A 103 20.19 -8.02 17.71
C LEU A 103 19.60 -9.45 17.87
N PRO A 104 19.39 -9.90 19.15
CA PRO A 104 18.81 -11.26 19.30
C PRO A 104 17.44 -11.43 18.58
N GLU A 105 16.48 -10.49 18.71
CA GLU A 105 15.20 -10.59 17.99
C GLU A 105 15.39 -10.61 16.49
N TYR A 106 16.23 -9.70 16.00
CA TYR A 106 16.52 -9.58 14.55
C TYR A 106 17.13 -10.85 14.04
N LEU A 107 18.03 -11.46 14.80
CA LEU A 107 18.62 -12.71 14.31
C LEU A 107 17.59 -13.86 14.25
N ARG A 108 16.76 -13.96 15.27
CA ARG A 108 15.61 -14.89 15.29
C ARG A 108 14.65 -14.66 14.12
N LEU A 109 14.35 -13.39 13.83
CA LEU A 109 13.52 -13.07 12.66
C LEU A 109 14.21 -13.46 11.31
N ALA A 110 15.51 -13.24 11.18
CA ALA A 110 16.14 -13.52 9.88
C ALA A 110 16.21 -15.05 9.62
N GLU A 111 16.50 -15.78 10.69
CA GLU A 111 16.45 -17.25 10.74
C GLU A 111 15.05 -17.74 10.36
N ALA A 112 13.99 -17.17 10.97
CA ALA A 112 12.56 -17.45 10.62
C ALA A 112 12.11 -17.13 9.20
N TRP A 113 12.20 -15.87 8.82
CA TRP A 113 11.75 -15.49 7.49
C TRP A 113 12.72 -15.69 6.38
N ARG A 114 14.04 -15.77 6.65
CA ARG A 114 15.05 -16.04 5.62
C ARG A 114 15.06 -14.98 4.50
N PRO A 115 15.39 -13.73 4.82
CA PRO A 115 15.38 -12.74 3.74
C PRO A 115 16.55 -12.98 2.82
N SER A 116 16.49 -12.48 1.59
CA SER A 116 17.65 -12.60 0.70
C SER A 116 18.39 -11.25 0.52
N VAL A 117 17.86 -10.18 1.12
CA VAL A 117 18.44 -8.83 0.98
C VAL A 117 17.78 -7.98 2.09
N LEU A 118 18.55 -7.05 2.64
CA LEU A 118 18.04 -6.16 3.66
C LEU A 118 17.97 -4.75 3.06
N LEU A 119 16.85 -4.07 3.27
CA LEU A 119 16.64 -2.68 2.84
C LEU A 119 16.64 -1.94 4.12
N VAL A 120 17.67 -1.16 4.34
CA VAL A 120 17.98 -0.58 5.66
C VAL A 120 18.01 0.97 5.62
N ASP A 121 17.29 1.57 6.56
CA ASP A 121 17.39 3.01 6.80
C ASP A 121 18.91 3.34 7.01
N VAL A 122 19.38 4.41 6.36
CA VAL A 122 20.77 4.85 6.58
C VAL A 122 21.14 4.95 8.09
N CYS A 123 20.24 5.41 8.94
CA CYS A 123 20.49 5.54 10.37
C CYS A 123 20.34 4.26 11.23
N ALA A 124 19.69 3.24 10.64
CA ALA A 124 19.37 1.97 11.35
C ALA A 124 20.59 1.01 11.33
N LEU A 125 21.49 1.29 12.27
CA LEU A 125 22.80 0.63 12.32
C LEU A 125 22.68 -0.91 12.40
N ILE A 126 21.69 -1.35 13.12
CA ILE A 126 21.29 -2.79 13.21
C ILE A 126 21.23 -3.53 11.89
N GLY A 127 20.66 -2.90 10.88
CA GLY A 127 20.62 -3.53 9.59
C GLY A 127 21.99 -3.80 8.98
N ARG A 128 23.00 -2.99 9.31
CA ARG A 128 24.33 -3.22 8.67
C ARG A 128 25.03 -4.36 9.42
N VAL A 129 24.81 -4.36 10.73
CA VAL A 129 25.32 -5.40 11.64
C VAL A 129 24.76 -6.75 11.18
N LEU A 130 23.44 -6.79 10.97
CA LEU A 130 22.68 -7.98 10.63
C LEU A 130 23.18 -8.48 9.28
N GLY A 131 23.30 -7.59 8.32
CA GLY A 131 23.87 -7.92 7.04
C GLY A 131 25.23 -8.53 7.20
N GLY A 132 26.12 -7.92 7.98
CA GLY A 132 27.43 -8.53 8.23
C GLY A 132 27.31 -9.95 8.78
N LEU A 133 26.58 -10.09 9.90
CA LEU A 133 26.56 -11.36 10.58
C LEU A 133 25.99 -12.46 9.73
N LEU A 134 24.97 -12.20 8.91
CA LEU A 134 24.30 -13.27 8.14
C LEU A 134 24.68 -13.29 6.70
N ASP A 135 25.74 -12.54 6.38
CA ASP A 135 26.29 -12.54 5.01
C ASP A 135 25.22 -12.28 3.96
N LEU A 136 24.46 -11.20 4.17
CA LEU A 136 23.40 -10.80 3.24
C LEU A 136 23.69 -9.38 2.74
N PRO A 137 23.40 -9.12 1.47
CA PRO A 137 23.54 -7.78 0.93
C PRO A 137 22.62 -6.81 1.62
N VAL A 138 23.18 -5.63 1.85
CA VAL A 138 22.52 -4.53 2.52
C VAL A 138 22.44 -3.37 1.56
N VAL A 139 21.21 -2.90 1.29
CA VAL A 139 21.00 -1.73 0.46
C VAL A 139 20.56 -0.65 1.43
N LEU A 140 21.37 0.39 1.61
CA LEU A 140 20.94 1.45 2.48
C LEU A 140 19.96 2.38 1.71
N HIS A 141 19.04 3.02 2.45
CA HIS A 141 18.09 3.94 1.85
C HIS A 141 18.02 5.24 2.63
N ARG A 142 18.36 6.35 1.98
CA ARG A 142 18.27 7.69 2.60
C ARG A 142 16.86 8.16 2.51
N TRP A 143 16.39 8.86 3.55
CA TRP A 143 15.05 9.46 3.41
C TRP A 143 15.16 10.85 2.76
N GLY A 144 16.34 11.44 2.80
CA GLY A 144 16.48 12.76 2.18
C GLY A 144 17.90 13.24 2.31
N VAL A 145 18.05 14.48 2.80
CA VAL A 145 19.40 15.00 3.09
C VAL A 145 19.96 14.09 4.20
N ASP A 146 21.20 13.65 3.98
CA ASP A 146 21.96 12.73 4.86
C ASP A 146 23.22 13.41 5.38
N PRO A 147 23.17 13.92 6.65
CA PRO A 147 24.27 14.58 7.43
C PRO A 147 25.03 13.59 8.29
N THR A 148 24.89 12.31 8.00
CA THR A 148 25.57 11.31 8.83
C THR A 148 27.07 11.04 8.56
N ALA A 149 27.69 11.63 7.54
CA ALA A 149 29.14 11.49 7.42
C ALA A 149 29.83 12.21 8.55
N GLY A 150 31.06 11.81 8.86
CA GLY A 150 31.85 12.44 9.95
C GLY A 150 31.33 12.01 11.33
N PRO A 151 30.82 12.92 12.13
CA PRO A 151 30.57 12.56 13.58
C PRO A 151 29.69 11.30 13.90
N PHE A 152 28.47 11.22 13.37
CA PHE A 152 27.64 9.99 13.44
C PHE A 152 28.37 8.75 12.91
N SER A 153 28.84 8.77 11.68
CA SER A 153 29.47 7.60 11.08
C SER A 153 30.71 7.16 11.85
N ASP A 154 31.57 8.11 12.21
CA ASP A 154 32.69 7.81 13.14
C ASP A 154 32.32 7.14 14.45
N ARG A 155 31.31 7.66 15.15
CA ARG A 155 30.92 7.05 16.38
C ARG A 155 30.34 5.62 16.12
N ALA A 156 29.62 5.43 14.99
CA ALA A 156 29.04 4.11 14.60
C ALA A 156 30.17 3.06 14.44
N HIS A 157 31.20 3.45 13.74
CA HIS A 157 32.33 2.52 13.45
C HIS A 157 33.06 2.32 14.75
N GLU A 158 33.25 3.38 15.53
CA GLU A 158 33.95 3.23 16.79
C GLU A 158 33.29 2.19 17.73
N LEU A 159 31.97 2.30 17.89
CA LEU A 159 31.21 1.45 18.80
C LEU A 159 30.95 0.07 18.19
N LEU A 160 30.66 0.02 16.88
CA LEU A 160 30.33 -1.31 16.20
C LEU A 160 31.44 -2.12 15.47
N ASP A 161 32.53 -1.45 15.09
CA ASP A 161 33.65 -2.18 14.53
C ASP A 161 34.06 -3.37 15.49
N PRO A 162 34.23 -3.12 16.80
CA PRO A 162 34.74 -4.15 17.72
C PRO A 162 33.77 -5.31 17.80
N VAL A 163 32.50 -4.96 17.82
CA VAL A 163 31.42 -5.91 17.80
C VAL A 163 31.41 -6.80 16.61
N CYS A 164 31.58 -6.24 15.42
CA CYS A 164 31.46 -7.04 14.26
C CYS A 164 32.74 -7.85 14.13
N ARG A 165 33.85 -7.30 14.62
CA ARG A 165 35.06 -8.11 14.77
C ARG A 165 34.90 -9.25 15.73
N HIS A 166 34.21 -9.03 16.85
CA HIS A 166 33.96 -10.14 17.76
C HIS A 166 33.16 -11.24 17.13
N HIS A 167 32.50 -10.95 15.99
CA HIS A 167 31.76 -12.00 15.23
C HIS A 167 32.47 -12.38 13.97
N GLY A 168 33.77 -12.11 13.92
CA GLY A 168 34.52 -12.60 12.80
C GLY A 168 34.53 -11.73 11.59
N LEU A 169 34.00 -10.51 11.70
CA LEU A 169 33.98 -9.64 10.55
C LEU A 169 35.05 -8.63 10.58
N THR A 170 35.11 -7.94 9.47
CA THR A 170 36.05 -6.88 9.22
C THR A 170 35.87 -5.65 10.16
N GLY A 171 34.64 -5.40 10.63
CA GLY A 171 34.24 -4.12 11.25
C GLY A 171 32.82 -3.96 10.68
N LEU A 172 32.12 -2.88 11.05
CA LEU A 172 30.80 -2.61 10.49
C LEU A 172 30.90 -2.60 8.96
N PRO A 173 30.18 -3.52 8.24
CA PRO A 173 30.40 -3.60 6.78
C PRO A 173 30.04 -2.31 5.97
N THR A 174 30.69 -2.11 4.84
CA THR A 174 30.25 -1.13 3.90
C THR A 174 28.97 -1.69 3.25
N PRO A 175 27.97 -0.82 3.01
CA PRO A 175 26.77 -1.30 2.33
C PRO A 175 27.10 -1.62 0.87
N GLU A 176 26.45 -2.67 0.34
CA GLU A 176 26.47 -2.96 -1.08
C GLU A 176 26.02 -1.82 -1.99
N LEU A 177 25.11 -0.94 -1.53
CA LEU A 177 24.43 0.04 -2.39
C LEU A 177 23.79 1.06 -1.47
N ILE A 178 23.80 2.35 -1.86
CA ILE A 178 22.99 3.36 -1.13
C ILE A 178 21.95 3.99 -2.07
N LEU A 179 20.67 4.00 -1.70
CA LEU A 179 19.64 4.65 -2.54
C LEU A 179 19.31 6.05 -2.03
N ASP A 180 19.20 6.97 -2.97
CA ASP A 180 19.14 8.36 -2.60
C ASP A 180 18.02 9.08 -3.38
N PRO A 181 16.92 9.47 -2.68
CA PRO A 181 15.89 10.22 -3.32
C PRO A 181 16.14 11.76 -3.32
N CYS A 182 17.21 12.21 -2.65
CA CYS A 182 17.37 13.63 -2.43
C CYS A 182 17.74 14.29 -3.74
N PRO A 183 17.11 15.44 -4.04
CA PRO A 183 17.64 16.05 -5.26
C PRO A 183 19.17 16.27 -5.15
N PRO A 184 19.89 15.86 -6.17
CA PRO A 184 21.34 15.89 -5.99
C PRO A 184 21.96 17.25 -5.71
N SER A 185 21.42 18.35 -6.25
CA SER A 185 22.01 19.65 -5.93
C SER A 185 21.76 20.03 -4.40
N LEU A 186 20.88 19.30 -3.72
CA LEU A 186 20.55 19.65 -2.31
C LEU A 186 21.23 18.74 -1.31
N GLN A 187 21.91 17.68 -1.78
CA GLN A 187 22.47 16.64 -0.85
C GLN A 187 23.69 17.18 -0.15
N ALA A 188 23.89 16.83 1.13
CA ALA A 188 25.11 17.21 1.87
C ALA A 188 26.39 16.87 1.07
N SER A 189 27.35 17.79 1.14
CA SER A 189 28.49 17.69 0.23
C SER A 189 29.31 16.52 0.64
N ASP A 190 29.22 16.11 1.91
CA ASP A 190 30.05 14.99 2.39
C ASP A 190 29.37 13.64 2.43
N ALA A 191 28.18 13.56 1.88
CA ALA A 191 27.48 12.27 1.83
C ALA A 191 28.00 11.39 0.69
N PRO A 192 28.36 10.16 1.02
CA PRO A 192 28.97 9.33 -0.05
C PRO A 192 27.97 9.13 -1.22
N GLN A 193 28.46 8.86 -2.41
CA GLN A 193 27.61 8.67 -3.56
C GLN A 193 26.58 7.52 -3.38
N GLY A 194 25.31 7.80 -3.73
CA GLY A 194 24.19 6.86 -3.71
C GLY A 194 23.52 6.85 -5.09
N ALA A 195 22.84 5.77 -5.41
CA ALA A 195 22.28 5.64 -6.74
C ALA A 195 20.91 6.39 -6.61
N PRO A 196 20.52 7.20 -7.65
CA PRO A 196 19.30 7.98 -7.66
C PRO A 196 18.05 7.11 -7.65
N VAL A 197 17.05 7.49 -6.86
CA VAL A 197 15.76 6.85 -6.97
C VAL A 197 14.74 7.95 -6.79
N GLN A 198 13.80 8.05 -7.75
CA GLN A 198 12.90 9.17 -7.82
C GLN A 198 11.94 9.15 -6.63
N TYR A 199 11.83 10.29 -5.95
CA TYR A 199 10.85 10.52 -4.85
C TYR A 199 9.43 10.35 -5.39
N VAL A 200 8.60 9.54 -4.75
CA VAL A 200 7.17 9.47 -5.12
C VAL A 200 6.36 9.96 -3.91
N PRO A 201 5.44 10.91 -4.10
CA PRO A 201 4.88 11.45 -2.84
C PRO A 201 3.90 10.53 -2.08
N TYR A 202 4.38 9.71 -1.18
CA TYR A 202 3.45 8.96 -0.36
C TYR A 202 3.25 9.68 0.96
N ASN A 203 2.06 10.22 1.14
CA ASN A 203 1.75 11.02 2.31
C ASN A 203 0.73 10.34 3.22
N GLY A 204 0.39 9.08 2.92
CA GLY A 204 -0.51 8.37 3.79
C GLY A 204 -1.72 8.18 2.95
N SER A 205 -2.67 7.43 3.49
CA SER A 205 -3.97 7.18 2.87
C SER A 205 -4.93 8.33 3.25
N GLY A 206 -6.02 8.48 2.52
CA GLY A 206 -7.06 9.42 2.94
C GLY A 206 -7.91 9.88 1.79
N ALA A 207 -8.63 10.99 2.00
CA ALA A 207 -9.71 11.37 1.10
C ALA A 207 -9.51 12.68 0.30
N PHE A 208 -9.87 12.62 -0.98
CA PHE A 208 -9.77 13.78 -1.85
C PHE A 208 -10.74 14.87 -1.37
N PRO A 209 -10.21 16.01 -0.90
CA PRO A 209 -11.14 17.03 -0.41
C PRO A 209 -11.78 17.83 -1.56
N ALA A 210 -13.03 18.25 -1.38
CA ALA A 210 -13.73 18.93 -2.49
C ALA A 210 -12.92 20.18 -2.92
N TRP A 211 -12.49 20.93 -1.91
CA TRP A 211 -11.75 22.21 -2.07
C TRP A 211 -10.36 22.03 -2.63
N GLY A 212 -9.91 20.78 -2.78
CA GLY A 212 -8.57 20.55 -3.32
C GLY A 212 -8.48 20.44 -4.82
N ALA A 213 -9.64 20.49 -5.48
CA ALA A 213 -9.69 20.37 -6.95
C ALA A 213 -9.03 21.54 -7.70
N ALA A 214 -9.21 22.75 -7.19
CA ALA A 214 -8.86 23.96 -7.94
C ALA A 214 -8.46 25.09 -6.95
N ARG A 215 -7.63 26.04 -7.40
CA ARG A 215 -7.32 27.14 -6.50
C ARG A 215 -8.54 28.11 -6.47
N THR A 216 -8.52 29.05 -5.55
CA THR A 216 -9.53 30.08 -5.55
C THR A 216 -8.78 31.38 -5.82
N SER A 217 -9.48 32.49 -5.58
CA SER A 217 -8.87 33.80 -5.78
C SER A 217 -7.88 34.16 -4.68
N ALA A 218 -8.01 33.52 -3.49
CA ALA A 218 -7.09 33.73 -2.37
C ALA A 218 -5.68 33.16 -2.71
N ARG A 219 -4.69 33.55 -1.94
CA ARG A 219 -3.33 33.04 -2.09
C ARG A 219 -3.20 31.82 -1.15
N ARG A 220 -3.26 30.61 -1.70
CA ARG A 220 -3.35 29.47 -0.81
C ARG A 220 -1.97 29.06 -0.28
N VAL A 221 -1.84 29.05 1.04
CA VAL A 221 -0.56 28.70 1.74
C VAL A 221 -0.89 27.49 2.67
N CYS A 222 -0.20 26.39 2.40
CA CYS A 222 -0.26 25.23 3.26
C CYS A 222 0.80 25.30 4.41
N ILE A 223 0.32 25.01 5.63
CA ILE A 223 1.16 24.85 6.80
C ILE A 223 1.08 23.39 7.14
N CYS A 224 2.20 22.70 7.15
CA CYS A 224 2.25 21.32 7.61
C CYS A 224 3.58 21.12 8.36
N MET A 225 3.50 20.94 9.64
CA MET A 225 4.60 20.49 10.43
C MET A 225 4.19 19.08 10.76
N GLY A 226 5.10 18.13 10.73
CA GLY A 226 4.63 16.78 11.08
C GLY A 226 4.46 16.44 12.58
N ARG A 227 3.83 15.28 12.85
CA ARG A 227 3.65 14.75 14.21
C ARG A 227 4.97 14.67 14.93
N MET A 228 5.97 14.09 14.25
CA MET A 228 7.26 13.90 14.89
C MET A 228 7.78 15.24 15.38
N VAL A 229 7.71 16.25 14.51
CA VAL A 229 8.29 17.53 14.86
C VAL A 229 7.57 18.09 16.09
N LEU A 230 6.24 18.24 16.00
CA LEU A 230 5.49 18.90 17.10
C LEU A 230 5.59 18.16 18.42
N ASN A 231 5.79 16.84 18.39
CA ASN A 231 6.06 16.11 19.65
C ASN A 231 7.32 16.59 20.31
N ALA A 232 8.27 17.03 19.51
CA ALA A 232 9.55 17.38 20.06
C ALA A 232 9.55 18.83 20.40
N THR A 233 8.99 19.67 19.52
CA THR A 233 9.11 21.11 19.65
C THR A 233 8.02 21.73 20.54
N GLY A 234 6.88 21.06 20.73
CA GLY A 234 5.73 21.76 21.26
C GLY A 234 5.04 22.63 20.19
N PRO A 235 4.09 23.46 20.61
CA PRO A 235 3.25 24.22 19.64
C PRO A 235 3.87 25.33 18.85
N ALA A 236 5.02 25.88 19.29
CA ALA A 236 5.52 27.16 18.75
C ALA A 236 5.61 27.25 17.22
N PRO A 237 6.21 26.24 16.54
CA PRO A 237 6.43 26.47 15.08
C PRO A 237 5.08 26.50 14.33
N LEU A 238 4.10 25.76 14.83
CA LEU A 238 2.77 25.80 14.24
C LEU A 238 2.17 27.12 14.51
N LEU A 239 2.16 27.51 15.78
CA LEU A 239 1.45 28.73 16.14
C LEU A 239 2.12 29.92 15.50
N ARG A 240 3.44 29.87 15.36
CA ARG A 240 4.16 30.95 14.65
C ARG A 240 3.72 31.00 13.19
N ALA A 241 3.62 29.87 12.54
CA ALA A 241 3.26 29.93 11.11
C ALA A 241 1.83 30.33 10.92
N VAL A 242 0.90 29.83 11.76
CA VAL A 242 -0.51 30.26 11.65
C VAL A 242 -0.63 31.78 11.80
N ALA A 243 0.02 32.36 12.80
CA ALA A 243 -0.09 33.82 12.99
C ALA A 243 0.49 34.58 11.81
N ALA A 244 1.64 34.14 11.35
CA ALA A 244 2.28 34.83 10.24
C ALA A 244 1.43 34.72 8.99
N ALA A 245 0.88 33.55 8.71
CA ALA A 245 0.17 33.38 7.42
C ALA A 245 -1.19 34.05 7.46
N THR A 246 -1.99 33.80 8.48
CA THR A 246 -3.36 34.38 8.44
C THR A 246 -3.50 35.90 8.57
N GLU A 247 -2.51 36.55 9.16
CA GLU A 247 -2.41 38.02 9.18
C GLU A 247 -2.24 38.71 7.81
N LEU A 248 -1.67 38.02 6.83
CA LEU A 248 -1.36 38.64 5.59
C LEU A 248 -2.63 38.71 4.77
N PRO A 249 -2.88 39.88 4.12
CA PRO A 249 -4.17 40.01 3.52
C PRO A 249 -4.10 39.21 2.21
N GLY A 250 -5.20 38.58 1.81
CA GLY A 250 -5.17 37.80 0.58
C GLY A 250 -4.86 36.33 0.80
N VAL A 251 -4.25 35.99 1.95
CA VAL A 251 -3.88 34.59 2.23
C VAL A 251 -5.02 33.74 2.80
N GLU A 252 -5.15 32.57 2.20
CA GLU A 252 -5.91 31.45 2.74
C GLU A 252 -4.96 30.38 3.28
N ALA A 253 -5.02 30.09 4.57
CA ALA A 253 -4.11 29.08 5.16
C ALA A 253 -4.73 27.70 5.27
N VAL A 254 -4.15 26.68 4.64
CA VAL A 254 -4.62 25.33 4.76
C VAL A 254 -3.70 24.64 5.78
N ILE A 255 -4.19 24.33 6.97
CA ILE A 255 -3.30 23.82 8.04
C ILE A 255 -3.44 22.31 8.11
N ALA A 256 -2.38 21.57 7.72
CA ALA A 256 -2.41 20.08 7.75
C ALA A 256 -1.83 19.66 9.10
N VAL A 257 -2.64 19.04 9.94
CA VAL A 257 -2.27 18.71 11.33
C VAL A 257 -2.72 17.32 11.58
N PRO A 258 -1.93 16.53 12.31
CA PRO A 258 -2.57 15.26 12.70
C PRO A 258 -3.56 15.46 13.91
N PRO A 259 -4.51 14.52 14.06
CA PRO A 259 -5.52 14.53 15.13
C PRO A 259 -4.94 14.93 16.50
N GLU A 260 -3.90 14.27 16.98
CA GLU A 260 -3.38 14.67 18.32
C GLU A 260 -2.84 16.10 18.40
N HIS A 261 -2.74 16.81 17.28
CA HIS A 261 -2.29 18.20 17.35
C HIS A 261 -3.36 19.29 17.16
N ARG A 262 -4.57 18.91 16.80
CA ARG A 262 -5.61 19.82 16.39
C ARG A 262 -6.13 20.66 17.55
N ALA A 263 -6.08 20.09 18.75
CA ALA A 263 -6.46 20.87 19.94
C ALA A 263 -5.47 22.02 20.24
N LEU A 264 -4.32 22.05 19.56
CA LEU A 264 -3.45 23.24 19.59
C LEU A 264 -3.96 24.55 18.95
N LEU A 265 -4.86 24.46 17.99
CA LEU A 265 -5.34 25.63 17.31
C LEU A 265 -6.61 26.02 18.00
N THR A 266 -6.70 27.25 18.42
CA THR A 266 -7.95 27.80 18.91
C THR A 266 -8.24 29.16 18.27
N ASP A 267 -9.49 29.63 18.36
CA ASP A 267 -9.97 30.82 17.62
C ASP A 267 -9.44 30.98 16.20
N LEU A 268 -9.53 29.93 15.42
CA LEU A 268 -9.07 29.92 14.04
C LEU A 268 -9.76 31.03 13.21
N PRO A 269 -8.96 31.85 12.51
CA PRO A 269 -9.62 32.94 11.75
C PRO A 269 -10.37 32.38 10.59
N ASP A 270 -11.17 33.25 9.96
CA ASP A 270 -11.96 32.93 8.78
C ASP A 270 -11.19 32.46 7.58
N ASN A 271 -9.94 32.90 7.43
CA ASN A 271 -9.07 32.62 6.26
C ASN A 271 -8.10 31.46 6.58
N ALA A 272 -8.53 30.59 7.49
CA ALA A 272 -7.81 29.39 7.91
C ALA A 272 -8.69 28.19 7.68
N ARG A 273 -8.11 27.11 7.19
CA ARG A 273 -8.83 25.86 6.97
C ARG A 273 -8.02 24.72 7.63
N ILE A 274 -8.65 23.87 8.43
CA ILE A 274 -7.96 22.70 8.99
C ILE A 274 -8.16 21.51 8.06
N ALA A 275 -7.05 20.90 7.64
CA ALA A 275 -7.15 19.68 6.84
C ALA A 275 -6.55 18.55 7.68
N GLU A 276 -7.39 17.79 8.34
CA GLU A 276 -6.79 16.80 9.25
C GLU A 276 -6.37 15.50 8.54
N SER A 277 -5.13 15.06 8.72
CA SER A 277 -4.52 13.96 7.91
C SER A 277 -5.11 13.82 6.49
N VAL A 278 -5.02 14.87 5.68
CA VAL A 278 -5.35 14.78 4.29
C VAL A 278 -4.00 14.70 3.62
N PRO A 279 -3.70 13.61 2.88
CA PRO A 279 -2.46 13.46 2.08
C PRO A 279 -2.19 14.73 1.28
N LEU A 280 -1.04 15.35 1.50
CA LEU A 280 -0.72 16.62 0.83
C LEU A 280 -0.88 16.55 -0.69
N ASN A 281 -0.42 15.46 -1.30
CA ASN A 281 -0.41 15.40 -2.74
C ASN A 281 -1.84 15.58 -3.34
N LEU A 282 -2.86 15.35 -2.54
CA LEU A 282 -4.24 15.52 -2.99
C LEU A 282 -4.66 16.97 -3.30
N PHE A 283 -3.98 17.96 -2.69
CA PHE A 283 -4.41 19.34 -2.88
C PHE A 283 -3.26 20.27 -3.09
N LEU A 284 -2.03 19.78 -2.85
CA LEU A 284 -0.89 20.69 -2.75
C LEU A 284 -0.72 21.46 -4.03
N ARG A 285 -1.21 20.91 -5.17
CA ARG A 285 -1.05 21.61 -6.46
C ARG A 285 -1.82 22.94 -6.51
N THR A 286 -2.79 23.10 -5.62
CA THR A 286 -3.47 24.39 -5.55
C THR A 286 -2.81 25.41 -4.60
N CYS A 287 -1.67 25.08 -4.02
CA CYS A 287 -0.99 25.95 -3.08
C CYS A 287 0.18 26.69 -3.70
N GLU A 288 0.34 27.94 -3.30
CA GLU A 288 1.48 28.75 -3.77
C GLU A 288 2.77 28.71 -2.91
N LEU A 289 2.64 28.18 -1.71
CA LEU A 289 3.74 28.18 -0.74
C LEU A 289 3.46 27.06 0.24
N VAL A 290 4.52 26.39 0.73
CA VAL A 290 4.39 25.44 1.85
C VAL A 290 5.26 25.91 3.03
N ILE A 291 4.68 26.03 4.23
CA ILE A 291 5.47 26.40 5.46
C ILE A 291 5.62 25.10 6.26
N CYS A 292 6.87 24.65 6.48
CA CYS A 292 7.02 23.38 7.13
C CYS A 292 8.25 23.44 7.97
N ALA A 293 8.67 22.31 8.59
CA ALA A 293 9.89 22.29 9.36
C ALA A 293 11.13 21.76 8.57
N GLY A 294 10.88 21.27 7.36
CA GLY A 294 11.88 20.66 6.54
C GLY A 294 12.04 19.16 6.60
N GLY A 295 11.12 18.45 7.27
CA GLY A 295 10.99 17.00 7.05
C GLY A 295 10.74 16.68 5.56
N SER A 296 11.46 15.66 5.10
CA SER A 296 11.49 15.36 3.65
C SER A 296 10.14 14.95 2.99
N GLY A 297 9.25 14.32 3.75
CA GLY A 297 7.93 13.95 3.22
C GLY A 297 7.16 15.20 2.73
N THR A 298 7.06 16.21 3.60
CA THR A 298 6.37 17.45 3.29
C THR A 298 7.19 18.19 2.20
N ALA A 299 8.49 18.32 2.47
CA ALA A 299 9.34 19.17 1.68
C ALA A 299 9.61 18.54 0.34
N PHE A 300 9.82 17.23 0.25
CA PHE A 300 9.95 16.67 -1.11
C PHE A 300 8.63 16.65 -1.91
N THR A 301 7.51 16.47 -1.25
CA THR A 301 6.21 16.51 -1.99
C THR A 301 6.05 17.90 -2.66
N ALA A 302 6.34 18.94 -1.87
CA ALA A 302 6.28 20.33 -2.35
C ALA A 302 7.24 20.54 -3.55
N THR A 303 8.51 20.22 -3.30
CA THR A 303 9.56 20.36 -4.33
C THR A 303 9.21 19.60 -5.60
N ARG A 304 8.81 18.31 -5.47
CA ARG A 304 8.26 17.57 -6.58
C ARG A 304 7.21 18.34 -7.36
N LEU A 305 6.34 19.10 -6.67
CA LEU A 305 5.29 19.83 -7.34
C LEU A 305 5.72 21.26 -7.83
N GLY A 306 6.99 21.58 -7.66
CA GLY A 306 7.52 22.90 -7.89
C GLY A 306 6.94 23.95 -6.96
N ILE A 307 6.57 23.56 -5.76
CA ILE A 307 6.02 24.52 -4.82
C ILE A 307 7.16 25.03 -3.83
N PRO A 308 7.38 26.38 -3.73
CA PRO A 308 8.45 26.91 -2.88
C PRO A 308 8.04 26.78 -1.45
N GLN A 309 9.04 26.78 -0.55
CA GLN A 309 8.79 26.60 0.88
C GLN A 309 9.47 27.63 1.75
N LEU A 310 8.84 27.84 2.89
CA LEU A 310 9.39 28.65 3.93
C LEU A 310 9.65 27.60 5.02
N VAL A 311 10.87 27.49 5.47
CA VAL A 311 11.31 26.31 6.19
C VAL A 311 11.74 26.80 7.57
N LEU A 312 11.23 26.19 8.63
CA LEU A 312 11.62 26.55 9.97
C LEU A 312 12.32 25.31 10.55
N PRO A 313 13.62 25.09 10.25
CA PRO A 313 14.22 23.81 10.67
C PRO A 313 14.31 23.71 12.19
N GLN A 314 14.30 22.49 12.73
CA GLN A 314 14.33 22.29 14.14
C GLN A 314 15.46 21.32 14.55
N TYR A 315 15.58 20.19 13.86
CA TYR A 315 16.54 19.20 14.25
C TYR A 315 17.07 18.38 13.08
N PHE A 316 18.09 17.56 13.39
CA PHE A 316 18.58 16.58 12.45
C PHE A 316 18.97 17.22 11.10
N ASP A 317 18.38 16.75 10.01
CA ASP A 317 18.83 17.15 8.65
C ASP A 317 18.12 18.41 8.20
N GLN A 318 17.27 18.98 9.08
CA GLN A 318 16.39 20.06 8.63
C GLN A 318 17.10 21.37 8.30
N PHE A 319 18.16 21.70 9.02
CA PHE A 319 18.92 22.91 8.75
C PHE A 319 19.65 22.78 7.39
N ASP A 320 20.19 21.60 7.09
CA ASP A 320 20.91 21.48 5.84
C ASP A 320 19.97 21.63 4.66
N TYR A 321 18.81 20.95 4.76
CA TYR A 321 17.80 21.05 3.71
C TYR A 321 17.34 22.52 3.54
N ALA A 322 17.09 23.20 4.68
CA ALA A 322 16.56 24.56 4.64
C ALA A 322 17.62 25.48 3.98
N ARG A 323 18.87 25.35 4.39
CA ARG A 323 19.92 26.18 3.83
C ARG A 323 20.09 25.96 2.35
N ASN A 324 20.08 24.70 1.95
CA ASN A 324 20.36 24.37 0.56
C ASN A 324 19.17 24.72 -0.38
N LEU A 325 17.95 24.55 0.17
CA LEU A 325 16.74 25.01 -0.56
C LEU A 325 16.75 26.52 -0.77
N ALA A 326 17.01 27.29 0.32
CA ALA A 326 17.21 28.73 0.15
C ALA A 326 18.33 29.12 -0.84
N ALA A 327 19.50 28.46 -0.81
CA ALA A 327 20.53 28.77 -1.80
C ALA A 327 20.08 28.53 -3.25
N ALA A 328 19.34 27.45 -3.50
CA ALA A 328 18.70 27.18 -4.80
C ALA A 328 17.65 28.18 -5.19
N GLY A 329 17.21 29.04 -4.24
CA GLY A 329 16.29 30.07 -4.65
C GLY A 329 14.83 29.61 -4.53
N ALA A 330 14.61 28.40 -3.99
CA ALA A 330 13.34 27.72 -4.07
C ALA A 330 12.60 27.92 -2.75
N GLY A 331 13.11 28.79 -1.91
CA GLY A 331 12.40 29.05 -0.61
C GLY A 331 13.22 29.99 0.26
N ILE A 332 12.74 30.14 1.50
CA ILE A 332 13.33 31.02 2.51
C ILE A 332 13.54 30.15 3.77
N CYS A 333 14.70 30.26 4.42
CA CYS A 333 14.99 29.61 5.70
C CYS A 333 14.83 30.58 6.90
N LEU A 334 14.12 30.19 7.93
CA LEU A 334 14.19 30.96 9.18
C LEU A 334 15.14 30.08 10.10
N PRO A 335 16.41 30.50 10.32
CA PRO A 335 17.40 29.43 10.62
C PRO A 335 17.50 29.13 12.11
N ASP A 336 16.85 29.95 12.93
CA ASP A 336 17.08 29.76 14.38
C ASP A 336 15.92 30.37 15.18
N GLU A 337 15.98 30.31 16.52
CA GLU A 337 14.78 30.74 17.27
C GLU A 337 14.46 32.23 17.10
N GLN A 338 15.48 33.11 17.10
CA GLN A 338 15.23 34.55 16.94
C GLN A 338 14.55 34.89 15.60
N ALA A 339 14.96 34.20 14.53
CA ALA A 339 14.27 34.39 13.24
C ALA A 339 12.83 33.80 13.27
N GLN A 340 12.65 32.59 13.80
CA GLN A 340 11.35 31.91 13.66
C GLN A 340 10.29 32.65 14.53
N SER A 341 10.78 33.31 15.59
CA SER A 341 9.88 33.98 16.51
C SER A 341 9.75 35.48 16.22
N ASP A 342 10.32 35.94 15.11
CA ASP A 342 10.25 37.35 14.71
C ASP A 342 9.09 37.41 13.74
N HIS A 343 7.95 37.81 14.28
CA HIS A 343 6.68 37.74 13.57
C HIS A 343 6.72 38.63 12.35
N GLU A 344 7.40 39.74 12.46
CA GLU A 344 7.36 40.68 11.38
C GLU A 344 8.26 40.14 10.24
N GLN A 345 9.39 39.56 10.58
CA GLN A 345 10.26 38.96 9.56
C GLN A 345 9.60 37.67 8.91
N PHE A 346 8.83 36.95 9.72
CA PHE A 346 8.13 35.78 9.25
C PHE A 346 7.04 36.18 8.21
N THR A 347 6.20 37.15 8.61
CA THR A 347 5.18 37.70 7.71
C THR A 347 5.80 38.21 6.40
N ASP A 348 6.86 39.05 6.52
CA ASP A 348 7.54 39.58 5.34
C ASP A 348 8.07 38.50 4.39
N SER A 349 8.59 37.40 4.94
CA SER A 349 9.05 36.30 4.13
C SER A 349 7.90 35.67 3.32
N ILE A 350 6.74 35.46 3.95
CA ILE A 350 5.59 34.96 3.17
C ILE A 350 5.25 35.92 2.01
N ALA A 351 5.05 37.20 2.33
CA ALA A 351 4.83 38.22 1.28
C ALA A 351 5.90 38.16 0.17
N THR A 352 7.17 38.01 0.55
CA THR A 352 8.25 37.91 -0.45
C THR A 352 8.08 36.77 -1.50
N VAL A 353 7.89 35.55 -1.03
CA VAL A 353 7.61 34.45 -1.94
C VAL A 353 6.35 34.69 -2.77
N LEU A 354 5.24 35.10 -2.12
CA LEU A 354 3.98 35.39 -2.86
C LEU A 354 4.10 36.50 -3.93
N GLY A 355 5.08 37.39 -3.77
CA GLY A 355 5.25 38.49 -4.72
C GLY A 355 6.30 38.29 -5.78
N ASP A 356 6.90 37.10 -5.85
CA ASP A 356 8.03 36.88 -6.75
C ASP A 356 8.02 35.45 -7.31
N THR A 357 7.56 35.29 -8.55
CA THR A 357 7.51 33.98 -9.15
C THR A 357 8.88 33.33 -9.40
N GLY A 358 9.95 34.05 -9.16
CA GLY A 358 11.27 33.42 -9.23
C GLY A 358 11.44 32.27 -8.21
N PHE A 359 10.79 32.33 -7.06
CA PHE A 359 10.85 31.20 -6.13
C PHE A 359 10.23 29.94 -6.68
N ALA A 360 9.03 30.07 -7.21
CA ALA A 360 8.43 28.94 -7.91
C ALA A 360 9.33 28.41 -9.03
N ALA A 361 9.95 29.29 -9.82
CA ALA A 361 10.72 28.84 -10.98
C ALA A 361 11.94 28.05 -10.49
N ALA A 362 12.60 28.56 -9.43
CA ALA A 362 13.69 27.81 -8.79
C ALA A 362 13.25 26.45 -8.25
N ALA A 363 12.04 26.38 -7.71
CA ALA A 363 11.50 25.11 -7.20
C ALA A 363 11.19 24.10 -8.35
N ILE A 364 10.69 24.59 -9.49
CA ILE A 364 10.60 23.75 -10.71
C ILE A 364 11.95 23.17 -11.19
N LYS A 365 13.00 23.95 -11.11
CA LYS A 365 14.36 23.45 -11.45
C LYS A 365 14.70 22.23 -10.58
N LEU A 366 14.47 22.33 -9.27
CA LEU A 366 14.70 21.19 -8.38
C LEU A 366 13.75 20.04 -8.79
N SER A 367 12.53 20.37 -9.16
CA SER A 367 11.56 19.33 -9.54
C SER A 367 12.12 18.59 -10.79
N ASP A 368 12.78 19.31 -11.71
CA ASP A 368 13.39 18.66 -12.89
C ASP A 368 14.53 17.70 -12.51
N GLU A 369 15.27 18.01 -11.45
CA GLU A 369 16.20 17.01 -10.94
C GLU A 369 15.52 15.72 -10.50
N ILE A 370 14.39 15.83 -9.83
CA ILE A 370 13.76 14.64 -9.28
C ILE A 370 13.26 13.80 -10.45
N THR A 371 12.60 14.46 -11.41
CA THR A 371 11.99 13.72 -12.50
C THR A 371 13.04 13.12 -13.46
N ALA A 372 14.31 13.46 -13.28
CA ALA A 372 15.38 12.89 -14.13
C ALA A 372 15.82 11.57 -13.48
N MET A 373 15.32 11.25 -12.27
CA MET A 373 15.79 10.07 -11.52
C MET A 373 15.02 8.82 -11.86
N PRO A 374 15.67 7.67 -11.91
CA PRO A 374 14.77 6.52 -12.29
C PRO A 374 13.65 6.28 -11.27
N HIS A 375 12.49 5.82 -11.73
CA HIS A 375 11.37 5.48 -10.78
C HIS A 375 11.65 4.22 -9.94
N PRO A 376 10.99 4.10 -8.77
CA PRO A 376 11.20 2.95 -7.88
C PRO A 376 11.10 1.64 -8.62
N ALA A 377 10.16 1.58 -9.56
CA ALA A 377 10.03 0.42 -10.47
C ALA A 377 11.33 0.00 -11.13
N ALA A 378 12.12 0.98 -11.60
CA ALA A 378 13.42 0.65 -12.27
C ALA A 378 14.45 0.20 -11.29
N LEU A 379 14.32 0.60 -10.04
CA LEU A 379 15.26 0.17 -9.01
C LEU A 379 15.06 -1.30 -8.58
N VAL A 380 13.91 -1.86 -8.91
CA VAL A 380 13.72 -3.29 -8.64
C VAL A 380 14.75 -4.14 -9.31
N ARG A 381 15.04 -3.86 -10.58
CA ARG A 381 16.10 -4.55 -11.30
C ARG A 381 17.45 -4.44 -10.61
N THR A 382 17.82 -3.25 -10.18
CA THR A 382 19.06 -3.11 -9.43
C THR A 382 19.11 -3.98 -8.17
N LEU A 383 18.07 -3.97 -7.35
CA LEU A 383 18.11 -4.82 -6.16
C LEU A 383 18.25 -6.29 -6.48
N GLU A 384 17.53 -6.76 -7.48
CA GLU A 384 17.66 -8.15 -7.96
C GLU A 384 19.13 -8.48 -8.28
N ASN A 385 19.86 -7.55 -8.90
CA ASN A 385 21.26 -7.79 -9.27
C ASN A 385 22.21 -7.64 -8.09
N THR A 386 21.72 -7.12 -6.96
CA THR A 386 22.44 -7.10 -5.70
C THR A 386 21.86 -8.29 -4.91
N MET B 2 -0.52 9.47 -16.51
CA MET B 2 -1.98 9.10 -16.35
C MET B 2 -2.59 9.52 -15.02
N ARG B 3 -3.85 9.92 -15.04
CA ARG B 3 -4.63 10.05 -13.84
C ARG B 3 -5.63 8.91 -13.97
N VAL B 4 -5.45 7.87 -13.16
CA VAL B 4 -6.22 6.61 -13.33
C VAL B 4 -7.25 6.68 -12.26
N LEU B 5 -8.54 6.75 -12.64
CA LEU B 5 -9.62 6.70 -11.70
C LEU B 5 -10.16 5.26 -11.65
N VAL B 6 -10.10 4.69 -10.46
CA VAL B 6 -10.42 3.27 -10.28
C VAL B 6 -11.83 3.15 -9.80
N VAL B 7 -12.64 2.33 -10.48
CA VAL B 7 -14.10 2.20 -10.20
C VAL B 7 -14.41 0.72 -9.90
N PRO B 8 -14.54 0.33 -8.61
CA PRO B 8 -14.82 -1.11 -8.37
C PRO B 8 -16.27 -1.33 -7.97
N LEU B 9 -16.78 -2.57 -8.02
CA LEU B 9 -18.08 -2.80 -7.34
C LEU B 9 -17.73 -2.73 -5.86
N PRO B 10 -18.69 -2.35 -5.00
CA PRO B 10 -18.49 -2.20 -3.57
C PRO B 10 -18.27 -3.51 -2.76
N TYR B 11 -17.36 -4.36 -3.23
CA TYR B 11 -16.92 -5.59 -2.51
C TYR B 11 -15.42 -5.56 -2.33
N PRO B 12 -14.93 -5.54 -1.06
CA PRO B 12 -13.47 -5.56 -0.80
C PRO B 12 -12.62 -6.39 -1.75
N THR B 13 -12.93 -7.68 -1.94
CA THR B 13 -12.12 -8.52 -2.86
C THR B 13 -11.94 -7.96 -4.25
N HIS B 14 -12.97 -7.36 -4.84
CA HIS B 14 -12.80 -6.77 -6.16
C HIS B 14 -11.77 -5.66 -6.18
N LEU B 15 -11.76 -4.81 -5.14
CA LEU B 15 -10.77 -3.74 -5.07
C LEU B 15 -9.36 -4.28 -4.70
N MET B 16 -9.30 -5.18 -3.72
CA MET B 16 -8.01 -5.80 -3.36
C MET B 16 -7.33 -6.45 -4.56
N ALA B 17 -8.12 -7.00 -5.48
CA ALA B 17 -7.55 -7.66 -6.69
C ALA B 17 -6.75 -6.66 -7.54
N MET B 18 -7.12 -5.37 -7.41
CA MET B 18 -6.53 -4.28 -8.23
C MET B 18 -5.40 -3.57 -7.47
N VAL B 19 -5.26 -3.86 -6.17
CA VAL B 19 -4.32 -3.10 -5.32
C VAL B 19 -2.86 -3.15 -5.76
N PRO B 20 -2.35 -4.36 -6.10
CA PRO B 20 -0.94 -4.30 -6.58
C PRO B 20 -0.73 -3.52 -7.90
N LEU B 21 -1.73 -3.47 -8.76
CA LEU B 21 -1.59 -2.68 -10.00
C LEU B 21 -1.67 -1.18 -9.62
N CYS B 22 -2.52 -0.83 -8.66
CA CYS B 22 -2.64 0.57 -8.24
C CYS B 22 -1.29 1.03 -7.71
N TRP B 23 -0.66 0.18 -6.91
CA TRP B 23 0.68 0.43 -6.41
C TRP B 23 1.75 0.43 -7.50
N ALA B 24 1.72 -0.51 -8.44
CA ALA B 24 2.64 -0.42 -9.58
C ALA B 24 2.46 0.97 -10.28
N LEU B 25 1.21 1.41 -10.54
CA LEU B 25 0.96 2.70 -11.19
C LEU B 25 1.57 3.86 -10.43
N GLN B 26 1.32 3.89 -9.13
CA GLN B 26 1.93 4.90 -8.30
C GLN B 26 3.49 4.79 -8.20
N ALA B 27 4.04 3.59 -8.10
CA ALA B 27 5.52 3.48 -8.02
C ALA B 27 6.17 3.80 -9.40
N SER B 28 5.30 4.03 -10.38
CA SER B 28 5.71 4.26 -11.75
C SER B 28 5.56 5.75 -12.14
N GLY B 29 5.09 6.59 -11.21
CA GLY B 29 4.84 8.00 -11.46
C GLY B 29 3.39 8.45 -11.69
N HIS B 30 2.47 7.57 -12.09
CA HIS B 30 1.07 7.98 -12.38
C HIS B 30 0.24 8.29 -11.12
N GLU B 31 -0.87 8.97 -11.27
CA GLU B 31 -1.75 9.19 -10.16
C GLU B 31 -2.90 8.21 -10.18
N VAL B 32 -3.39 7.92 -8.99
CA VAL B 32 -4.44 6.92 -8.82
C VAL B 32 -5.37 7.42 -7.71
N LEU B 33 -6.69 7.41 -8.00
CA LEU B 33 -7.73 7.69 -7.05
C LEU B 33 -8.79 6.59 -7.12
N ILE B 34 -9.30 6.20 -5.95
CA ILE B 34 -10.32 5.17 -5.88
C ILE B 34 -11.71 5.81 -5.63
N ALA B 35 -12.64 5.65 -6.58
CA ALA B 35 -14.04 5.97 -6.35
C ALA B 35 -14.58 4.91 -5.40
N ALA B 36 -14.85 5.27 -4.15
CA ALA B 36 -15.10 4.35 -3.11
C ALA B 36 -16.37 4.72 -2.37
N PRO B 37 -17.38 3.84 -2.44
CA PRO B 37 -18.55 3.91 -1.57
C PRO B 37 -18.05 3.61 -0.17
N PRO B 38 -18.84 3.92 0.86
CA PRO B 38 -18.43 3.59 2.26
C PRO B 38 -17.93 2.13 2.52
N GLU B 39 -18.48 1.14 1.81
CA GLU B 39 -18.06 -0.24 2.01
C GLU B 39 -16.60 -0.47 1.51
N LEU B 40 -16.05 0.40 0.68
CA LEU B 40 -14.74 0.20 0.22
C LEU B 40 -13.70 1.17 0.89
N GLN B 41 -14.14 2.12 1.73
CA GLN B 41 -13.26 3.16 2.28
C GLN B 41 -12.03 2.57 3.07
N ALA B 42 -12.34 1.69 4.05
CA ALA B 42 -11.34 1.05 4.92
C ALA B 42 -10.44 0.15 4.10
N THR B 43 -11.00 -0.60 3.14
CA THR B 43 -10.15 -1.41 2.24
C THR B 43 -9.13 -0.55 1.47
N ALA B 44 -9.67 0.50 0.85
CA ALA B 44 -8.82 1.37 0.03
C ALA B 44 -7.69 2.01 0.89
N HIS B 45 -8.09 2.62 2.01
CA HIS B 45 -7.13 3.28 2.91
C HIS B 45 -6.15 2.31 3.54
N GLY B 46 -6.66 1.09 3.83
CA GLY B 46 -5.82 0.07 4.44
C GLY B 46 -4.74 -0.44 3.48
N ALA B 47 -4.88 -0.12 2.20
CA ALA B 47 -3.78 -0.41 1.27
C ALA B 47 -2.89 0.81 0.96
N GLY B 48 -2.98 1.85 1.79
CA GLY B 48 -2.22 3.08 1.56
C GLY B 48 -2.72 3.91 0.41
N LEU B 49 -3.92 3.66 -0.11
CA LEU B 49 -4.47 4.37 -1.27
C LEU B 49 -5.37 5.53 -0.90
N THR B 50 -5.57 6.44 -1.86
CA THR B 50 -6.45 7.58 -1.59
C THR B 50 -7.82 7.44 -2.31
N THR B 51 -8.87 8.07 -1.76
CA THR B 51 -10.23 7.86 -2.23
C THR B 51 -11.06 9.13 -2.51
N ALA B 52 -12.10 8.98 -3.35
CA ALA B 52 -13.19 9.99 -3.44
C ALA B 52 -14.43 9.27 -2.95
N GLY B 53 -15.19 9.91 -2.05
CA GLY B 53 -16.37 9.30 -1.45
C GLY B 53 -17.47 9.18 -2.49
N ILE B 54 -18.05 8.01 -2.61
CA ILE B 54 -19.25 7.83 -3.38
C ILE B 54 -20.29 7.54 -2.34
N ARG B 55 -21.49 8.10 -2.42
CA ARG B 55 -22.52 7.59 -1.52
C ARG B 55 -22.97 6.23 -2.05
N ARG B 70 -31.05 -19.65 1.11
CA ARG B 70 -30.71 -19.03 -0.14
C ARG B 70 -29.29 -19.50 -0.66
N PHE B 71 -28.38 -19.84 0.26
CA PHE B 71 -27.05 -20.31 -0.13
C PHE B 71 -26.79 -21.66 0.55
N PRO B 72 -26.02 -22.57 -0.08
CA PRO B 72 -25.40 -22.35 -1.40
C PRO B 72 -26.43 -22.41 -2.49
N ASN B 73 -26.19 -21.62 -3.57
CA ASN B 73 -27.06 -21.68 -4.72
C ASN B 73 -26.29 -22.06 -5.99
N PRO B 74 -26.21 -23.37 -6.30
CA PRO B 74 -25.50 -23.89 -7.48
C PRO B 74 -26.01 -23.35 -8.82
N ALA B 75 -27.21 -22.76 -8.88
CA ALA B 75 -27.63 -22.27 -10.20
C ALA B 75 -26.68 -21.17 -10.71
N PHE B 76 -25.95 -20.47 -9.83
CA PHE B 76 -24.92 -19.50 -10.30
C PHE B 76 -23.98 -20.09 -11.25
N GLY B 77 -23.74 -21.36 -11.06
CA GLY B 77 -22.74 -22.03 -11.87
C GLY B 77 -23.41 -22.71 -13.04
N GLN B 78 -24.65 -22.38 -13.35
CA GLN B 78 -25.42 -23.11 -14.37
C GLN B 78 -26.14 -22.12 -15.24
N ARG B 79 -25.41 -21.36 -16.03
CA ARG B 79 -25.99 -20.26 -16.83
C ARG B 79 -26.93 -20.72 -17.93
N ASP B 80 -26.86 -22.00 -18.28
CA ASP B 80 -27.76 -22.59 -19.25
C ASP B 80 -29.13 -22.97 -18.67
N THR B 81 -29.25 -22.97 -17.32
CA THR B 81 -30.53 -23.22 -16.66
C THR B 81 -31.41 -22.01 -16.62
N GLU B 82 -32.70 -22.23 -16.44
CA GLU B 82 -33.66 -21.12 -16.29
C GLU B 82 -33.19 -20.28 -15.09
N ALA B 83 -33.03 -20.93 -13.94
CA ALA B 83 -32.61 -20.26 -12.67
C ALA B 83 -31.24 -19.55 -12.79
N GLY B 84 -30.29 -20.17 -13.50
CA GLY B 84 -28.89 -19.70 -13.64
C GLY B 84 -28.87 -18.46 -14.52
N ARG B 85 -29.62 -18.52 -15.63
CA ARG B 85 -29.83 -17.30 -16.44
C ARG B 85 -30.50 -16.14 -15.66
N GLN B 86 -31.55 -16.47 -14.91
CA GLN B 86 -32.25 -15.46 -14.16
C GLN B 86 -31.35 -14.81 -13.13
N LEU B 87 -30.49 -15.55 -12.43
CA LEU B 87 -29.65 -14.91 -11.37
C LEU B 87 -28.66 -13.93 -11.96
N TRP B 88 -28.04 -14.33 -13.06
CA TRP B 88 -27.10 -13.44 -13.67
C TRP B 88 -27.76 -12.20 -14.30
N GLU B 89 -28.92 -12.35 -14.93
CA GLU B 89 -29.66 -11.14 -15.38
C GLU B 89 -30.05 -10.22 -14.23
N GLN B 90 -30.56 -10.81 -13.15
CA GLN B 90 -30.96 -10.02 -11.98
C GLN B 90 -29.76 -9.21 -11.46
N THR B 91 -28.58 -9.80 -11.44
CA THR B 91 -27.39 -9.03 -10.99
C THR B 91 -27.09 -7.86 -11.93
N ALA B 92 -27.11 -8.12 -13.24
CA ALA B 92 -26.89 -7.05 -14.19
C ALA B 92 -27.97 -5.95 -13.99
N SER B 93 -29.19 -6.35 -13.66
CA SER B 93 -30.32 -5.41 -13.58
C SER B 93 -30.14 -4.49 -12.37
N ASN B 94 -29.77 -5.06 -11.24
CA ASN B 94 -29.51 -4.30 -10.01
C ASN B 94 -28.36 -3.28 -10.20
N VAL B 95 -27.29 -3.76 -10.83
CA VAL B 95 -26.09 -2.98 -11.08
C VAL B 95 -26.36 -1.86 -12.09
N ALA B 96 -27.09 -2.21 -13.15
CA ALA B 96 -27.49 -1.17 -14.14
C ALA B 96 -28.29 -0.07 -13.48
N GLN B 97 -29.25 -0.45 -12.65
CA GLN B 97 -30.09 0.53 -11.97
C GLN B 97 -29.30 1.49 -11.08
N SER B 98 -28.39 0.94 -10.29
CA SER B 98 -27.68 1.81 -9.40
C SER B 98 -26.60 2.58 -10.18
N SER B 99 -26.07 2.00 -11.25
CA SER B 99 -25.22 2.80 -12.13
C SER B 99 -25.89 4.11 -12.57
N LEU B 100 -27.15 4.00 -12.97
CA LEU B 100 -27.91 5.16 -13.47
C LEU B 100 -28.19 6.16 -12.36
N ASP B 101 -28.60 5.64 -11.20
CA ASP B 101 -28.83 6.42 -10.00
C ASP B 101 -27.63 7.25 -9.65
N GLN B 102 -26.44 6.68 -9.87
CA GLN B 102 -25.22 7.29 -9.38
C GLN B 102 -24.48 8.04 -10.43
N LEU B 103 -24.92 8.01 -11.68
CA LEU B 103 -24.16 8.68 -12.76
C LEU B 103 -23.85 10.17 -12.55
N PRO B 104 -24.84 11.00 -12.07
CA PRO B 104 -24.57 12.45 -11.72
C PRO B 104 -23.33 12.65 -10.85
N GLU B 105 -23.31 11.93 -9.74
CA GLU B 105 -22.18 11.89 -8.80
C GLU B 105 -20.83 11.55 -9.44
N TYR B 106 -20.79 10.51 -10.27
CA TYR B 106 -19.58 10.08 -10.95
C TYR B 106 -19.17 11.10 -12.02
N LEU B 107 -20.17 11.73 -12.65
CA LEU B 107 -19.87 12.80 -13.61
C LEU B 107 -19.16 13.99 -12.92
N ARG B 108 -19.75 14.44 -11.82
CA ARG B 108 -19.17 15.50 -10.98
C ARG B 108 -17.75 15.17 -10.51
N LEU B 109 -17.59 14.01 -9.86
CA LEU B 109 -16.24 13.52 -9.55
C LEU B 109 -15.26 13.60 -10.74
N ALA B 110 -15.68 13.21 -11.94
CA ALA B 110 -14.73 13.20 -13.05
C ALA B 110 -14.41 14.64 -13.52
N GLU B 111 -15.34 15.52 -13.27
CA GLU B 111 -15.17 16.91 -13.59
C GLU B 111 -14.08 17.48 -12.69
N ALA B 112 -14.25 17.28 -11.37
CA ALA B 112 -13.31 17.70 -10.34
C ALA B 112 -11.93 17.16 -10.57
N TRP B 113 -11.80 15.85 -10.66
CA TRP B 113 -10.48 15.22 -10.68
C TRP B 113 -9.88 15.00 -12.04
N ARG B 114 -10.66 15.08 -13.12
CA ARG B 114 -10.16 14.92 -14.50
C ARG B 114 -9.27 13.75 -14.75
N PRO B 115 -9.81 12.52 -14.61
CA PRO B 115 -8.99 11.35 -14.90
C PRO B 115 -8.74 11.21 -16.39
N SER B 116 -7.68 10.50 -16.75
CA SER B 116 -7.40 10.25 -18.15
C SER B 116 -7.67 8.82 -18.61
N VAL B 117 -7.77 7.91 -17.63
CA VAL B 117 -8.13 6.49 -17.85
C VAL B 117 -8.99 6.00 -16.67
N LEU B 118 -9.92 5.12 -16.99
CA LEU B 118 -10.72 4.48 -15.98
C LEU B 118 -10.33 3.01 -15.92
N LEU B 119 -9.96 2.57 -14.70
CA LEU B 119 -9.60 1.21 -14.44
C LEU B 119 -10.81 0.71 -13.69
N VAL B 120 -11.48 -0.24 -14.33
CA VAL B 120 -12.82 -0.60 -13.94
C VAL B 120 -13.06 -2.09 -13.71
N ASP B 121 -13.65 -2.41 -12.57
CA ASP B 121 -14.15 -3.79 -12.25
C ASP B 121 -15.09 -4.25 -13.39
N VAL B 122 -14.86 -5.44 -13.95
CA VAL B 122 -15.77 -6.01 -14.99
C VAL B 122 -17.22 -5.89 -14.60
N CYS B 123 -17.56 -6.13 -13.36
CA CYS B 123 -18.94 -5.97 -12.96
C CYS B 123 -19.41 -4.54 -12.73
N ALA B 124 -18.53 -3.52 -12.57
CA ALA B 124 -19.00 -2.17 -12.17
C ALA B 124 -19.35 -1.43 -13.48
N LEU B 125 -20.59 -1.62 -13.94
CA LEU B 125 -21.03 -1.11 -15.24
C LEU B 125 -20.92 0.43 -15.29
N ILE B 126 -21.23 1.09 -14.17
CA ILE B 126 -21.09 2.55 -14.01
C ILE B 126 -19.84 3.00 -14.76
N GLY B 127 -18.80 2.18 -14.73
CA GLY B 127 -17.50 2.61 -15.26
C GLY B 127 -17.50 2.67 -16.76
N ARG B 128 -18.17 1.71 -17.40
CA ARG B 128 -18.26 1.66 -18.88
C ARG B 128 -19.13 2.79 -19.42
N VAL B 129 -20.22 3.11 -18.72
CA VAL B 129 -21.10 4.26 -19.08
C VAL B 129 -20.26 5.57 -19.03
N LEU B 130 -19.55 5.78 -17.93
CA LEU B 130 -18.74 6.93 -17.71
C LEU B 130 -17.67 7.06 -18.80
N GLY B 131 -16.96 5.98 -19.06
CA GLY B 131 -16.05 5.94 -20.17
C GLY B 131 -16.71 6.39 -21.45
N GLY B 132 -17.88 5.82 -21.76
CA GLY B 132 -18.62 6.19 -22.97
C GLY B 132 -19.01 7.66 -23.05
N LEU B 133 -19.70 8.13 -22.01
CA LEU B 133 -20.14 9.50 -21.93
C LEU B 133 -19.03 10.53 -21.95
N LEU B 134 -17.90 10.26 -21.32
CA LEU B 134 -16.81 11.22 -21.25
C LEU B 134 -15.73 10.98 -22.23
N ASP B 135 -15.93 10.03 -23.13
CA ASP B 135 -14.90 9.67 -24.08
C ASP B 135 -13.50 9.38 -23.50
N LEU B 136 -13.46 8.62 -22.41
CA LEU B 136 -12.22 8.23 -21.79
C LEU B 136 -11.95 6.75 -22.06
N PRO B 137 -10.70 6.35 -22.34
CA PRO B 137 -10.46 4.92 -22.53
C PRO B 137 -10.74 4.13 -21.23
N VAL B 138 -11.30 2.93 -21.37
CA VAL B 138 -11.76 2.12 -20.22
C VAL B 138 -10.99 0.77 -20.20
N VAL B 139 -10.29 0.47 -19.09
CA VAL B 139 -9.51 -0.77 -18.93
C VAL B 139 -10.23 -1.61 -17.89
N LEU B 140 -10.85 -2.69 -18.36
CA LEU B 140 -11.60 -3.57 -17.43
C LEU B 140 -10.64 -4.40 -16.61
N HIS B 141 -11.03 -4.73 -15.39
CA HIS B 141 -10.17 -5.64 -14.62
C HIS B 141 -10.98 -6.76 -14.01
N ARG B 142 -10.64 -7.99 -14.38
CA ARG B 142 -11.24 -9.20 -13.80
C ARG B 142 -10.68 -9.46 -12.39
N TRP B 143 -11.48 -9.95 -11.49
CA TRP B 143 -10.98 -10.21 -10.17
C TRP B 143 -10.70 -11.68 -10.06
N GLY B 144 -11.24 -12.47 -10.98
CA GLY B 144 -11.12 -13.91 -10.84
C GLY B 144 -11.74 -14.66 -11.99
N VAL B 145 -12.38 -15.79 -11.70
CA VAL B 145 -13.23 -16.44 -12.73
C VAL B 145 -14.33 -15.46 -13.10
N ASP B 146 -14.51 -15.24 -14.39
CA ASP B 146 -15.45 -14.26 -14.86
C ASP B 146 -16.63 -14.95 -15.65
N PRO B 147 -17.81 -15.11 -15.01
CA PRO B 147 -18.90 -15.79 -15.71
C PRO B 147 -19.97 -14.82 -16.19
N THR B 148 -19.54 -13.61 -16.52
CA THR B 148 -20.47 -12.57 -16.98
C THR B 148 -20.89 -12.59 -18.44
N ALA B 149 -20.29 -13.43 -19.30
CA ALA B 149 -20.78 -13.58 -20.68
C ALA B 149 -22.17 -14.18 -20.69
N GLY B 150 -22.95 -13.86 -21.72
CA GLY B 150 -24.27 -14.41 -21.94
C GLY B 150 -25.19 -13.58 -21.07
N PRO B 151 -25.90 -14.23 -20.16
CA PRO B 151 -26.95 -13.57 -19.33
C PRO B 151 -26.61 -12.17 -18.78
N PHE B 152 -25.58 -12.02 -17.94
CA PHE B 152 -25.23 -10.73 -17.39
C PHE B 152 -24.94 -9.69 -18.50
N SER B 153 -24.05 -10.04 -19.37
CA SER B 153 -23.57 -9.07 -20.33
C SER B 153 -24.69 -8.65 -21.31
N ASP B 154 -25.49 -9.62 -21.81
CA ASP B 154 -26.71 -9.30 -22.59
C ASP B 154 -27.69 -8.34 -21.89
N ARG B 155 -27.94 -8.58 -20.61
CA ARG B 155 -28.89 -7.75 -19.88
C ARG B 155 -28.35 -6.31 -19.68
N ALA B 156 -27.04 -6.26 -19.40
CA ALA B 156 -26.27 -5.02 -19.28
C ALA B 156 -26.47 -4.22 -20.59
N HIS B 157 -26.27 -4.83 -21.77
CA HIS B 157 -26.54 -4.06 -23.03
C HIS B 157 -28.00 -3.66 -23.13
N GLU B 158 -28.90 -4.59 -22.88
CA GLU B 158 -30.28 -4.25 -23.04
C GLU B 158 -30.70 -3.07 -22.10
N LEU B 159 -30.09 -2.97 -20.91
CA LEU B 159 -30.49 -1.90 -20.01
C LEU B 159 -29.73 -0.59 -20.22
N LEU B 160 -28.48 -0.66 -20.65
CA LEU B 160 -27.58 0.53 -20.67
C LEU B 160 -27.28 1.06 -22.07
N ASP B 161 -27.36 0.18 -23.07
CA ASP B 161 -27.54 0.61 -24.48
C ASP B 161 -28.37 1.95 -24.69
N PRO B 162 -29.61 2.05 -24.15
CA PRO B 162 -30.39 3.29 -24.33
C PRO B 162 -29.67 4.59 -23.95
N VAL B 163 -29.31 4.74 -22.66
CA VAL B 163 -28.54 5.91 -22.17
C VAL B 163 -27.31 6.23 -22.99
N CYS B 164 -26.60 5.21 -23.47
CA CYS B 164 -25.43 5.50 -24.29
C CYS B 164 -25.83 6.01 -25.70
N ARG B 165 -26.82 5.38 -26.31
CA ARG B 165 -27.36 5.92 -27.57
C ARG B 165 -27.91 7.34 -27.48
N HIS B 166 -28.57 7.67 -26.38
CA HIS B 166 -29.03 9.01 -26.10
C HIS B 166 -27.86 9.99 -26.13
N HIS B 167 -26.68 9.53 -25.73
CA HIS B 167 -25.48 10.38 -25.75
C HIS B 167 -24.71 10.29 -27.03
N GLY B 168 -25.21 9.51 -27.96
CA GLY B 168 -24.66 9.54 -29.31
C GLY B 168 -23.83 8.34 -29.70
N LEU B 169 -23.69 7.37 -28.79
CA LEU B 169 -22.95 6.14 -29.10
C LEU B 169 -23.90 5.08 -29.65
N THR B 170 -23.31 4.05 -30.26
CA THR B 170 -24.09 2.89 -30.75
C THR B 170 -24.65 2.07 -29.62
N GLY B 171 -23.98 2.14 -28.46
CA GLY B 171 -24.45 1.43 -27.25
C GLY B 171 -23.39 1.46 -26.16
N LEU B 172 -23.52 0.62 -25.13
CA LEU B 172 -22.43 0.49 -24.13
C LEU B 172 -21.16 0.05 -24.85
N PRO B 173 -20.07 0.83 -24.71
CA PRO B 173 -19.05 0.37 -25.62
C PRO B 173 -18.29 -0.85 -25.06
N THR B 174 -17.60 -1.53 -25.96
CA THR B 174 -16.61 -2.54 -25.67
C THR B 174 -15.44 -1.84 -25.01
N PRO B 175 -14.87 -2.46 -23.97
CA PRO B 175 -13.71 -1.79 -23.37
C PRO B 175 -12.41 -1.90 -24.22
N GLU B 176 -11.50 -0.95 -24.00
CA GLU B 176 -10.15 -0.97 -24.57
C GLU B 176 -9.34 -2.28 -24.38
N LEU B 177 -9.48 -2.88 -23.21
CA LEU B 177 -8.55 -3.90 -22.74
C LEU B 177 -9.26 -4.50 -21.53
N ILE B 178 -9.05 -5.79 -21.29
CA ILE B 178 -9.59 -6.48 -20.12
C ILE B 178 -8.43 -7.18 -19.45
N LEU B 179 -8.06 -6.72 -18.27
CA LEU B 179 -6.95 -7.41 -17.61
C LEU B 179 -7.47 -8.62 -16.88
N ASP B 180 -6.66 -9.69 -16.82
CA ASP B 180 -7.15 -10.97 -16.35
C ASP B 180 -6.14 -11.66 -15.49
N PRO B 181 -6.37 -11.69 -14.16
CA PRO B 181 -5.45 -12.34 -13.23
C PRO B 181 -5.69 -13.84 -13.11
N CYS B 182 -6.71 -14.35 -13.77
CA CYS B 182 -7.09 -15.76 -13.57
C CYS B 182 -6.24 -16.63 -14.50
N PRO B 183 -5.52 -17.63 -13.96
CA PRO B 183 -4.80 -18.46 -14.91
C PRO B 183 -5.73 -18.99 -15.98
N PRO B 184 -5.32 -18.93 -17.27
CA PRO B 184 -6.22 -19.38 -18.36
C PRO B 184 -6.93 -20.70 -18.09
N SER B 185 -6.19 -21.63 -17.54
CA SER B 185 -6.70 -22.97 -17.23
C SER B 185 -7.94 -23.02 -16.36
N LEU B 186 -8.17 -21.96 -15.60
CA LEU B 186 -9.28 -21.93 -14.68
C LEU B 186 -10.35 -21.00 -15.12
N GLN B 187 -10.10 -20.28 -16.22
CA GLN B 187 -10.99 -19.20 -16.59
C GLN B 187 -12.30 -19.73 -17.28
N ALA B 188 -13.48 -19.12 -17.05
CA ALA B 188 -14.72 -19.55 -17.74
C ALA B 188 -14.46 -19.71 -19.26
N SER B 189 -15.03 -20.73 -19.86
CA SER B 189 -14.65 -21.06 -21.24
C SER B 189 -15.18 -20.02 -22.22
N ASP B 190 -16.24 -19.28 -21.86
CA ASP B 190 -16.75 -18.23 -22.69
C ASP B 190 -16.31 -16.81 -22.35
N ALA B 191 -15.35 -16.64 -21.44
CA ALA B 191 -14.83 -15.29 -21.12
C ALA B 191 -13.97 -14.84 -22.31
N PRO B 192 -14.26 -13.67 -22.92
CA PRO B 192 -13.43 -13.20 -24.05
C PRO B 192 -12.03 -12.98 -23.56
N GLN B 193 -11.09 -13.31 -24.44
CA GLN B 193 -9.70 -13.06 -24.25
C GLN B 193 -9.36 -11.80 -23.47
N GLY B 194 -8.66 -11.97 -22.36
CA GLY B 194 -8.06 -10.85 -21.67
C GLY B 194 -6.55 -10.74 -21.85
N ALA B 195 -5.99 -9.70 -21.28
CA ALA B 195 -4.56 -9.56 -21.27
C ALA B 195 -4.10 -10.10 -19.94
N PRO B 196 -3.27 -11.14 -19.97
CA PRO B 196 -2.86 -11.73 -18.65
C PRO B 196 -2.05 -10.83 -17.69
N VAL B 197 -2.34 -11.01 -16.41
CA VAL B 197 -1.56 -10.33 -15.38
C VAL B 197 -1.38 -11.28 -14.18
N GLN B 198 -0.17 -11.33 -13.64
CA GLN B 198 0.14 -12.24 -12.55
C GLN B 198 -0.63 -11.82 -11.32
N TYR B 199 -1.33 -12.77 -10.73
CA TYR B 199 -1.94 -12.57 -9.42
C TYR B 199 -0.86 -12.42 -8.33
N VAL B 200 -0.91 -11.31 -7.60
CA VAL B 200 -0.05 -11.08 -6.44
C VAL B 200 -0.94 -11.16 -5.19
N PRO B 201 -0.62 -12.04 -4.23
CA PRO B 201 -1.57 -12.24 -3.13
C PRO B 201 -1.65 -11.08 -2.14
N TYR B 202 -2.29 -9.99 -2.51
CA TYR B 202 -2.59 -8.97 -1.46
C TYR B 202 -3.73 -9.37 -0.54
N ASN B 203 -3.44 -9.58 0.76
CA ASN B 203 -4.49 -10.11 1.67
C ASN B 203 -4.74 -9.14 2.79
N GLY B 204 -4.28 -7.90 2.63
CA GLY B 204 -4.46 -6.92 3.71
C GLY B 204 -3.13 -6.75 4.44
N SER B 205 -3.04 -5.72 5.29
CA SER B 205 -1.91 -5.55 6.21
C SER B 205 -2.02 -6.49 7.40
N GLY B 206 -0.91 -6.66 8.15
CA GLY B 206 -0.98 -7.48 9.36
C GLY B 206 0.41 -7.99 9.73
N ALA B 207 0.44 -8.91 10.72
CA ALA B 207 1.62 -9.35 11.44
C ALA B 207 2.06 -10.80 11.05
N PHE B 208 3.34 -10.97 10.69
CA PHE B 208 3.95 -12.30 10.54
C PHE B 208 3.83 -13.05 11.88
N PRO B 209 3.11 -14.21 11.90
CA PRO B 209 3.00 -14.95 13.16
C PRO B 209 4.24 -15.85 13.33
N ALA B 210 4.66 -16.02 14.58
CA ALA B 210 5.84 -16.90 14.91
C ALA B 210 5.68 -18.26 14.29
N TRP B 211 4.49 -18.85 14.41
CA TRP B 211 4.27 -20.23 13.95
C TRP B 211 4.14 -20.39 12.45
N GLY B 212 4.22 -19.23 11.76
CA GLY B 212 4.10 -19.18 10.32
C GLY B 212 5.36 -19.48 9.53
N ALA B 213 6.48 -19.63 10.26
CA ALA B 213 7.80 -19.85 9.70
C ALA B 213 8.04 -21.28 9.17
N ALA B 214 7.48 -22.28 9.82
CA ALA B 214 7.73 -23.66 9.30
C ALA B 214 6.58 -24.58 9.60
N ARG B 215 6.48 -25.65 8.82
CA ARG B 215 5.52 -26.65 9.17
C ARG B 215 5.92 -27.40 10.47
N THR B 216 4.94 -28.13 10.90
CA THR B 216 4.91 -28.90 12.04
C THR B 216 4.88 -30.44 11.61
N SER B 217 5.14 -31.35 12.56
CA SER B 217 4.90 -32.77 12.23
C SER B 217 3.40 -33.08 11.94
N ALA B 218 2.50 -32.22 12.45
CA ALA B 218 1.03 -32.30 12.24
C ALA B 218 0.67 -31.95 10.79
N ARG B 219 -0.54 -32.32 10.35
CA ARG B 219 -1.06 -31.99 9.01
C ARG B 219 -1.78 -30.62 9.09
N ARG B 220 -1.12 -29.56 8.65
CA ARG B 220 -1.70 -28.24 8.82
C ARG B 220 -2.72 -27.93 7.72
N VAL B 221 -3.95 -27.62 8.16
CA VAL B 221 -5.10 -27.33 7.32
C VAL B 221 -5.58 -25.94 7.70
N CYS B 222 -5.65 -25.06 6.73
CA CYS B 222 -6.15 -23.72 6.97
C CYS B 222 -7.61 -23.64 6.51
N ILE B 223 -8.45 -23.17 7.42
CA ILE B 223 -9.77 -22.80 7.05
C ILE B 223 -9.90 -21.28 6.99
N CYS B 224 -10.39 -20.80 5.86
CA CYS B 224 -10.68 -19.37 5.71
C CYS B 224 -11.86 -19.21 4.73
N MET B 225 -12.94 -18.67 5.27
CA MET B 225 -14.19 -18.39 4.53
C MET B 225 -14.38 -16.87 4.16
N GLY B 226 -13.51 -15.98 4.66
CA GLY B 226 -13.79 -14.49 4.62
C GLY B 226 -15.13 -13.83 5.08
N ARG B 227 -15.00 -12.53 5.39
CA ARG B 227 -16.07 -11.77 6.03
C ARG B 227 -17.30 -11.79 5.22
N MET B 228 -17.17 -11.49 3.93
CA MET B 228 -18.36 -11.27 3.15
C MET B 228 -19.13 -12.57 3.08
N VAL B 229 -18.46 -13.71 2.92
CA VAL B 229 -19.22 -14.92 2.72
C VAL B 229 -20.12 -15.21 3.90
N LEU B 230 -19.55 -15.26 5.07
CA LEU B 230 -20.31 -15.68 6.23
C LEU B 230 -21.42 -14.70 6.66
N ASN B 231 -21.24 -13.41 6.41
CA ASN B 231 -22.34 -12.46 6.66
C ASN B 231 -23.58 -12.83 5.82
N ALA B 232 -23.35 -13.41 4.64
CA ALA B 232 -24.37 -13.75 3.70
C ALA B 232 -24.88 -15.13 4.02
N THR B 233 -24.02 -16.05 4.48
CA THR B 233 -24.48 -17.44 4.57
C THR B 233 -24.94 -17.82 5.97
N GLY B 234 -24.43 -17.09 6.96
CA GLY B 234 -24.45 -17.54 8.36
C GLY B 234 -23.25 -18.46 8.59
N PRO B 235 -23.16 -19.01 9.81
CA PRO B 235 -21.87 -19.67 10.23
C PRO B 235 -21.62 -21.10 9.68
N ALA B 236 -22.65 -21.73 9.12
CA ALA B 236 -22.60 -23.11 8.69
C ALA B 236 -21.35 -23.55 7.94
N PRO B 237 -20.93 -22.86 6.86
CA PRO B 237 -19.74 -23.35 6.11
C PRO B 237 -18.44 -23.30 6.93
N LEU B 238 -18.28 -22.29 7.78
CA LEU B 238 -17.12 -22.23 8.68
C LEU B 238 -17.24 -23.39 9.68
N LEU B 239 -18.40 -23.53 10.31
CA LEU B 239 -18.51 -24.47 11.42
C LEU B 239 -18.51 -25.93 10.96
N ARG B 240 -19.11 -26.22 9.78
CA ARG B 240 -18.98 -27.57 9.14
C ARG B 240 -17.52 -27.82 8.77
N ALA B 241 -16.80 -26.80 8.28
CA ALA B 241 -15.39 -26.99 8.03
C ALA B 241 -14.64 -27.26 9.32
N VAL B 242 -14.94 -26.52 10.39
CA VAL B 242 -14.14 -26.77 11.62
C VAL B 242 -14.42 -28.22 12.10
N ALA B 243 -15.70 -28.61 12.13
CA ALA B 243 -16.06 -30.02 12.47
C ALA B 243 -15.33 -31.05 11.60
N ALA B 244 -15.29 -30.86 10.28
CA ALA B 244 -14.63 -31.83 9.41
C ALA B 244 -13.12 -31.90 9.66
N ALA B 245 -12.45 -30.75 9.79
CA ALA B 245 -10.98 -30.75 9.92
C ALA B 245 -10.45 -31.30 11.23
N THR B 246 -10.98 -30.87 12.37
CA THR B 246 -10.51 -31.33 13.63
C THR B 246 -10.81 -32.78 13.95
N GLU B 247 -11.76 -33.42 13.24
CA GLU B 247 -12.05 -34.84 13.50
C GLU B 247 -10.91 -35.75 13.08
N LEU B 248 -10.23 -35.40 11.97
CA LEU B 248 -9.25 -36.28 11.40
C LEU B 248 -7.97 -36.37 12.23
N PRO B 249 -7.51 -37.61 12.47
CA PRO B 249 -6.25 -37.80 13.25
C PRO B 249 -5.02 -37.03 12.67
N GLY B 250 -4.35 -36.28 13.50
CA GLY B 250 -3.06 -35.64 13.15
C GLY B 250 -3.23 -34.27 12.52
N VAL B 251 -4.45 -33.90 12.19
CA VAL B 251 -4.64 -32.51 11.63
C VAL B 251 -4.50 -31.39 12.65
N GLU B 252 -3.87 -30.30 12.23
CA GLU B 252 -3.76 -29.08 13.04
C GLU B 252 -4.58 -28.11 12.24
N ALA B 253 -5.72 -27.65 12.76
CA ALA B 253 -6.57 -26.62 12.04
C ALA B 253 -6.10 -25.19 12.28
N VAL B 254 -5.86 -24.43 11.20
CA VAL B 254 -5.56 -22.98 11.33
C VAL B 254 -6.77 -22.20 10.82
N ILE B 255 -7.48 -21.50 11.69
CA ILE B 255 -8.78 -20.96 11.35
C ILE B 255 -8.62 -19.43 11.25
N ALA B 256 -8.76 -18.91 10.03
CA ALA B 256 -8.52 -17.50 9.80
C ALA B 256 -9.86 -16.80 9.71
N VAL B 257 -10.13 -15.89 10.65
CA VAL B 257 -11.44 -15.25 10.79
C VAL B 257 -11.20 -13.78 11.04
N PRO B 258 -12.10 -12.87 10.59
CA PRO B 258 -12.07 -11.42 11.00
C PRO B 258 -12.49 -11.40 12.51
N PRO B 259 -12.16 -10.33 13.28
CA PRO B 259 -12.66 -10.20 14.68
C PRO B 259 -14.16 -10.49 14.81
N GLU B 260 -14.99 -10.03 13.86
CA GLU B 260 -16.44 -10.24 14.02
C GLU B 260 -16.89 -11.69 13.99
N HIS B 261 -16.04 -12.61 13.54
CA HIS B 261 -16.44 -14.00 13.52
C HIS B 261 -15.71 -14.85 14.49
N ARG B 262 -14.83 -14.24 15.27
CA ARG B 262 -14.13 -15.03 16.28
C ARG B 262 -15.11 -15.71 17.28
N ALA B 263 -16.19 -15.06 17.67
CA ALA B 263 -17.09 -15.64 18.70
C ALA B 263 -17.92 -16.86 18.16
N LEU B 264 -17.85 -17.12 16.84
CA LEU B 264 -18.47 -18.32 16.25
C LEU B 264 -17.81 -19.60 16.69
N LEU B 265 -16.55 -19.46 17.15
CA LEU B 265 -15.67 -20.56 17.51
C LEU B 265 -15.57 -20.83 18.99
N THR B 266 -16.28 -21.83 19.47
CA THR B 266 -16.49 -21.99 20.92
C THR B 266 -15.61 -23.03 21.59
N ASP B 267 -15.51 -24.19 20.99
CA ASP B 267 -14.90 -25.31 21.64
C ASP B 267 -14.04 -25.95 20.59
N LEU B 268 -12.75 -25.67 20.71
CA LEU B 268 -11.80 -26.12 19.76
C LEU B 268 -10.85 -26.96 20.51
N PRO B 269 -10.31 -28.01 19.85
CA PRO B 269 -9.19 -28.89 20.30
C PRO B 269 -7.98 -28.03 20.60
N ASP B 270 -6.99 -28.59 21.30
CA ASP B 270 -5.92 -27.83 21.90
C ASP B 270 -4.89 -27.32 20.94
N ASN B 271 -4.75 -28.00 19.81
CA ASN B 271 -3.69 -27.58 18.91
C ASN B 271 -4.22 -26.69 17.78
N ALA B 272 -5.52 -26.35 17.84
CA ALA B 272 -6.21 -25.54 16.82
C ALA B 272 -5.71 -24.13 17.04
N ARG B 273 -5.61 -23.35 15.97
CA ARG B 273 -5.10 -21.97 16.07
C ARG B 273 -6.20 -21.09 15.46
N ILE B 274 -6.53 -20.02 16.18
CA ILE B 274 -7.28 -18.95 15.61
C ILE B 274 -6.29 -17.90 15.06
N ALA B 275 -6.31 -17.68 13.76
CA ALA B 275 -5.48 -16.62 13.14
C ALA B 275 -6.40 -15.45 12.81
N GLU B 276 -6.40 -14.42 13.67
CA GLU B 276 -7.41 -13.38 13.52
C GLU B 276 -6.89 -12.27 12.61
N SER B 277 -7.55 -12.00 11.47
CA SER B 277 -7.02 -11.04 10.50
C SER B 277 -5.49 -11.19 10.24
N VAL B 278 -4.97 -12.41 9.98
CA VAL B 278 -3.55 -12.62 9.63
C VAL B 278 -3.45 -12.83 8.09
N PRO B 279 -2.76 -11.90 7.34
CA PRO B 279 -2.68 -12.12 5.86
C PRO B 279 -2.24 -13.55 5.57
N LEU B 280 -3.04 -14.20 4.75
CA LEU B 280 -2.79 -15.60 4.43
C LEU B 280 -1.40 -15.94 3.91
N ASN B 281 -0.84 -15.11 3.03
CA ASN B 281 0.36 -15.42 2.28
C ASN B 281 1.55 -15.51 3.24
N LEU B 282 1.35 -14.93 4.44
CA LEU B 282 2.34 -14.98 5.50
C LEU B 282 2.56 -16.36 6.13
N PHE B 283 1.64 -17.32 5.94
CA PHE B 283 1.78 -18.63 6.61
C PHE B 283 1.29 -19.79 5.74
N LEU B 284 0.56 -19.47 4.68
CA LEU B 284 -0.02 -20.50 3.88
C LEU B 284 0.98 -21.50 3.35
N ARG B 285 2.25 -21.12 3.14
CA ARG B 285 3.15 -22.12 2.53
C ARG B 285 3.42 -23.30 3.45
N THR B 286 3.06 -23.16 4.74
CA THR B 286 3.26 -24.18 5.79
C THR B 286 2.05 -25.11 5.88
N CYS B 287 1.06 -24.86 5.03
CA CYS B 287 -0.21 -25.59 5.00
C CYS B 287 -0.28 -26.64 3.88
N GLU B 288 -1.01 -27.72 4.11
CA GLU B 288 -1.20 -28.76 3.10
C GLU B 288 -2.52 -28.71 2.40
N LEU B 289 -3.46 -27.92 2.95
CA LEU B 289 -4.81 -27.83 2.44
C LEU B 289 -5.42 -26.46 2.90
N VAL B 290 -6.17 -25.85 2.00
CA VAL B 290 -7.07 -24.74 2.30
C VAL B 290 -8.52 -25.16 2.11
N ILE B 291 -9.34 -24.94 3.14
CA ILE B 291 -10.76 -25.14 3.01
C ILE B 291 -11.35 -23.76 2.91
N CYS B 292 -12.11 -23.51 1.83
CA CYS B 292 -12.62 -22.17 1.59
C CYS B 292 -13.87 -22.20 0.77
N ALA B 293 -14.43 -21.04 0.43
CA ALA B 293 -15.69 -21.02 -0.27
C ALA B 293 -15.48 -20.65 -1.75
N GLY B 294 -14.25 -20.41 -2.20
CA GLY B 294 -14.09 -20.08 -3.65
C GLY B 294 -13.94 -18.61 -3.94
N GLY B 295 -14.07 -17.76 -2.92
CA GLY B 295 -13.75 -16.30 -3.00
C GLY B 295 -12.32 -16.21 -3.52
N SER B 296 -12.14 -15.37 -4.50
CA SER B 296 -10.94 -15.35 -5.26
C SER B 296 -9.71 -14.86 -4.46
N GLY B 297 -9.90 -14.09 -3.37
CA GLY B 297 -8.70 -13.63 -2.63
C GLY B 297 -8.04 -14.80 -1.89
N THR B 298 -8.84 -15.56 -1.13
CA THR B 298 -8.27 -16.77 -0.48
C THR B 298 -7.80 -17.83 -1.47
N ALA B 299 -8.69 -18.17 -2.38
CA ALA B 299 -8.45 -19.16 -3.44
C ALA B 299 -7.25 -18.91 -4.34
N PHE B 300 -7.09 -17.67 -4.83
CA PHE B 300 -5.96 -17.42 -5.76
C PHE B 300 -4.63 -17.34 -4.97
N THR B 301 -4.68 -16.98 -3.68
CA THR B 301 -3.46 -16.88 -2.84
C THR B 301 -2.98 -18.35 -2.61
N ALA B 302 -3.94 -19.23 -2.29
CA ALA B 302 -3.65 -20.69 -2.17
C ALA B 302 -3.02 -21.22 -3.45
N THR B 303 -3.70 -20.99 -4.57
CA THR B 303 -3.21 -21.59 -5.86
C THR B 303 -1.87 -20.98 -6.21
N ARG B 304 -1.69 -19.67 -6.01
CA ARG B 304 -0.40 -19.06 -6.27
C ARG B 304 0.65 -19.71 -5.41
N LEU B 305 0.30 -20.09 -4.18
CA LEU B 305 1.32 -20.70 -3.29
C LEU B 305 1.34 -22.22 -3.42
N GLY B 306 0.67 -22.74 -4.46
CA GLY B 306 0.66 -24.17 -4.81
C GLY B 306 -0.06 -25.04 -3.76
N ILE B 307 -1.01 -24.49 -3.00
CA ILE B 307 -1.67 -25.26 -1.98
C ILE B 307 -3.03 -25.74 -2.48
N PRO B 308 -3.33 -27.07 -2.39
CA PRO B 308 -4.64 -27.49 -2.83
C PRO B 308 -5.78 -27.08 -1.90
N GLN B 309 -7.00 -27.06 -2.47
CA GLN B 309 -8.13 -26.58 -1.76
C GLN B 309 -9.29 -27.57 -1.80
N LEU B 310 -10.06 -27.49 -0.71
CA LEU B 310 -11.36 -28.08 -0.64
C LEU B 310 -12.36 -26.90 -0.64
N VAL B 311 -13.16 -26.82 -1.71
CA VAL B 311 -13.97 -25.63 -1.97
C VAL B 311 -15.44 -25.89 -1.71
N LEU B 312 -16.03 -25.07 -0.85
CA LEU B 312 -17.50 -25.15 -0.61
C LEU B 312 -18.23 -23.97 -1.26
N PRO B 313 -18.49 -24.04 -2.56
CA PRO B 313 -19.00 -22.74 -3.14
C PRO B 313 -20.40 -22.36 -2.68
N GLN B 314 -20.69 -21.04 -2.69
CA GLN B 314 -22.02 -20.53 -2.29
C GLN B 314 -22.72 -19.69 -3.34
N TYR B 315 -21.97 -18.78 -3.97
CA TYR B 315 -22.61 -17.82 -4.87
C TYR B 315 -21.73 -17.31 -6.02
N PHE B 316 -22.32 -16.58 -6.96
CA PHE B 316 -21.56 -15.93 -8.01
C PHE B 316 -20.55 -16.82 -8.76
N ASP B 317 -19.27 -16.45 -8.82
CA ASP B 317 -18.27 -17.17 -9.60
C ASP B 317 -17.65 -18.36 -8.85
N GLN B 318 -18.05 -18.58 -7.60
CA GLN B 318 -17.42 -19.65 -6.76
C GLN B 318 -17.59 -21.05 -7.28
N PHE B 319 -18.73 -21.33 -7.93
CA PHE B 319 -19.04 -22.67 -8.40
C PHE B 319 -18.17 -22.95 -9.58
N ASP B 320 -18.03 -21.96 -10.48
CA ASP B 320 -17.10 -22.14 -11.65
C ASP B 320 -15.67 -22.43 -11.22
N TYR B 321 -15.19 -21.61 -10.27
CA TYR B 321 -13.83 -21.73 -9.76
C TYR B 321 -13.69 -23.13 -9.17
N ALA B 322 -14.66 -23.59 -8.38
CA ALA B 322 -14.51 -24.90 -7.67
C ALA B 322 -14.46 -26.07 -8.68
N ARG B 323 -15.33 -25.99 -9.69
CA ARG B 323 -15.43 -26.95 -10.77
C ARG B 323 -14.09 -27.03 -11.52
N ASN B 324 -13.62 -25.86 -11.96
CA ASN B 324 -12.41 -25.79 -12.80
C ASN B 324 -11.20 -26.14 -12.00
N LEU B 325 -11.20 -25.72 -10.71
CA LEU B 325 -10.11 -26.21 -9.82
C LEU B 325 -10.03 -27.77 -9.73
N ALA B 326 -11.16 -28.40 -9.33
CA ALA B 326 -11.21 -29.87 -9.29
C ALA B 326 -10.81 -30.51 -10.65
N ALA B 327 -11.28 -29.93 -11.75
CA ALA B 327 -11.02 -30.49 -13.08
C ALA B 327 -9.54 -30.48 -13.33
N ALA B 328 -8.80 -29.52 -12.78
CA ALA B 328 -7.36 -29.51 -12.99
C ALA B 328 -6.63 -30.39 -11.98
N GLY B 329 -7.38 -31.05 -11.09
CA GLY B 329 -6.81 -32.00 -10.13
C GLY B 329 -6.30 -31.35 -8.84
N ALA B 330 -6.49 -30.04 -8.63
CA ALA B 330 -5.76 -29.34 -7.56
C ALA B 330 -6.68 -29.15 -6.39
N GLY B 331 -7.84 -29.77 -6.44
CA GLY B 331 -8.71 -29.71 -5.30
C GLY B 331 -9.99 -30.50 -5.47
N ILE B 332 -10.88 -30.33 -4.51
CA ILE B 332 -12.15 -31.07 -4.46
C ILE B 332 -13.28 -30.11 -4.27
N CYS B 333 -14.38 -30.34 -4.97
CA CYS B 333 -15.57 -29.47 -4.77
C CYS B 333 -16.64 -30.19 -3.98
N LEU B 334 -17.25 -29.52 -3.01
CA LEU B 334 -18.52 -29.94 -2.43
C LEU B 334 -19.66 -29.06 -3.03
N PRO B 335 -20.39 -29.60 -4.05
CA PRO B 335 -21.05 -28.67 -5.02
C PRO B 335 -22.33 -28.03 -4.52
N ASP B 336 -22.92 -28.54 -3.42
CA ASP B 336 -24.27 -28.07 -3.09
C ASP B 336 -24.63 -28.34 -1.62
N GLU B 337 -25.84 -28.03 -1.20
CA GLU B 337 -26.16 -28.15 0.23
C GLU B 337 -26.12 -29.60 0.74
N GLN B 338 -26.54 -30.53 -0.12
CA GLN B 338 -26.48 -31.98 0.21
C GLN B 338 -25.07 -32.40 0.47
N ALA B 339 -24.14 -31.93 -0.35
CA ALA B 339 -22.72 -32.35 -0.12
C ALA B 339 -22.18 -31.65 1.09
N GLN B 340 -22.39 -30.35 1.17
CA GLN B 340 -21.75 -29.55 2.25
C GLN B 340 -22.27 -29.95 3.63
N SER B 341 -23.52 -30.47 3.71
CA SER B 341 -24.15 -30.81 5.01
C SER B 341 -23.78 -32.22 5.48
N ASP B 342 -23.05 -32.96 4.64
CA ASP B 342 -22.75 -34.34 4.88
C ASP B 342 -21.34 -34.46 5.42
N HIS B 343 -21.24 -34.59 6.74
CA HIS B 343 -19.96 -34.70 7.44
C HIS B 343 -19.03 -35.80 6.89
N GLU B 344 -19.60 -36.91 6.46
CA GLU B 344 -18.82 -38.03 5.86
C GLU B 344 -18.15 -37.65 4.56
N GLN B 345 -18.89 -37.01 3.68
CA GLN B 345 -18.26 -36.52 2.45
C GLN B 345 -17.22 -35.42 2.77
N PHE B 346 -17.54 -34.54 3.70
CA PHE B 346 -16.66 -33.43 4.04
C PHE B 346 -15.34 -34.02 4.56
N THR B 347 -15.40 -34.91 5.54
CA THR B 347 -14.20 -35.46 6.12
C THR B 347 -13.46 -36.35 5.18
N ASP B 348 -14.15 -37.19 4.44
CA ASP B 348 -13.48 -38.01 3.45
C ASP B 348 -12.72 -37.17 2.44
N SER B 349 -13.27 -36.02 2.05
CA SER B 349 -12.59 -35.13 1.09
C SER B 349 -11.31 -34.60 1.65
N ILE B 350 -11.31 -34.25 2.94
CA ILE B 350 -10.04 -33.83 3.53
C ILE B 350 -8.98 -34.97 3.55
N ALA B 351 -9.39 -36.16 3.99
CA ALA B 351 -8.54 -37.30 4.09
C ALA B 351 -8.03 -37.64 2.64
N THR B 352 -8.89 -37.58 1.63
CA THR B 352 -8.40 -37.82 0.25
C THR B 352 -7.25 -36.86 -0.11
N VAL B 353 -7.39 -35.58 0.24
CA VAL B 353 -6.32 -34.64 -0.28
C VAL B 353 -5.02 -34.89 0.44
N LEU B 354 -5.12 -35.04 1.75
CA LEU B 354 -3.96 -35.30 2.61
C LEU B 354 -3.23 -36.62 2.28
N GLY B 355 -3.91 -37.54 1.61
CA GLY B 355 -3.41 -38.91 1.44
C GLY B 355 -2.97 -39.08 0.00
N ASP B 356 -3.12 -38.02 -0.80
CA ASP B 356 -2.77 -38.10 -2.19
C ASP B 356 -1.96 -36.86 -2.66
N THR B 357 -0.62 -36.99 -2.72
CA THR B 357 0.22 -35.88 -3.16
C THR B 357 -0.02 -35.44 -4.62
N GLY B 358 -0.85 -36.13 -5.39
CA GLY B 358 -1.22 -35.61 -6.76
C GLY B 358 -2.01 -34.26 -6.71
N PHE B 359 -2.71 -33.99 -5.63
CA PHE B 359 -3.38 -32.68 -5.46
C PHE B 359 -2.38 -31.50 -5.36
N ALA B 360 -1.45 -31.60 -4.41
CA ALA B 360 -0.36 -30.61 -4.29
C ALA B 360 0.37 -30.46 -5.64
N ALA B 361 0.50 -31.56 -6.41
CA ALA B 361 1.30 -31.55 -7.65
C ALA B 361 0.49 -30.75 -8.66
N ALA B 362 -0.80 -31.04 -8.76
CA ALA B 362 -1.64 -30.22 -9.65
C ALA B 362 -1.63 -28.75 -9.23
N ALA B 363 -1.72 -28.50 -7.91
CA ALA B 363 -1.72 -27.10 -7.43
C ALA B 363 -0.44 -26.32 -7.80
N ILE B 364 0.71 -26.99 -7.69
CA ILE B 364 2.01 -26.43 -8.07
C ILE B 364 2.00 -26.11 -9.58
N LYS B 365 1.42 -27.00 -10.37
CA LYS B 365 1.38 -26.77 -11.79
C LYS B 365 0.66 -25.44 -12.06
N LEU B 366 -0.43 -25.16 -11.34
CA LEU B 366 -1.19 -23.91 -11.47
C LEU B 366 -0.42 -22.71 -10.92
N SER B 367 0.25 -22.91 -9.78
CA SER B 367 1.13 -21.89 -9.29
C SER B 367 2.09 -21.46 -10.38
N ASP B 368 2.65 -22.45 -11.10
CA ASP B 368 3.55 -22.16 -12.23
C ASP B 368 2.95 -21.42 -13.39
N GLU B 369 1.69 -21.72 -13.71
CA GLU B 369 0.94 -20.95 -14.71
C GLU B 369 0.86 -19.49 -14.27
N ILE B 370 0.59 -19.28 -12.96
CA ILE B 370 0.46 -17.90 -12.47
C ILE B 370 1.80 -17.15 -12.54
N THR B 371 2.88 -17.78 -12.07
CA THR B 371 4.07 -17.03 -11.97
C THR B 371 4.74 -16.81 -13.36
N ALA B 372 4.30 -17.54 -14.38
CA ALA B 372 4.77 -17.31 -15.77
C ALA B 372 4.08 -16.08 -16.38
N MET B 373 3.09 -15.53 -15.70
CA MET B 373 2.32 -14.42 -16.25
C MET B 373 3.03 -13.11 -15.92
N PRO B 374 2.93 -12.09 -16.78
CA PRO B 374 3.55 -10.78 -16.50
C PRO B 374 3.10 -10.13 -15.22
N HIS B 375 4.01 -9.55 -14.45
CA HIS B 375 3.51 -8.97 -13.20
C HIS B 375 2.80 -7.65 -13.40
N PRO B 376 2.04 -7.18 -12.39
CA PRO B 376 1.40 -5.86 -12.40
C PRO B 376 2.34 -4.74 -12.86
N ALA B 377 3.59 -4.73 -12.36
CA ALA B 377 4.65 -3.86 -12.91
C ALA B 377 4.79 -3.81 -14.46
N ALA B 378 4.98 -4.97 -15.09
CA ALA B 378 4.95 -5.03 -16.55
C ALA B 378 3.69 -4.49 -17.21
N LEU B 379 2.54 -4.63 -16.58
CA LEU B 379 1.29 -4.14 -17.18
C LEU B 379 1.13 -2.62 -17.28
N VAL B 380 1.93 -1.88 -16.48
CA VAL B 380 1.82 -0.43 -16.43
C VAL B 380 2.12 0.14 -17.82
N ARG B 381 3.10 -0.43 -18.48
CA ARG B 381 3.44 -0.04 -19.86
C ARG B 381 2.32 -0.38 -20.82
N THR B 382 1.66 -1.51 -20.62
CA THR B 382 0.49 -1.75 -21.44
C THR B 382 -0.52 -0.66 -21.24
N LEU B 383 -0.73 -0.22 -20.00
CA LEU B 383 -1.74 0.79 -19.73
C LEU B 383 -1.34 2.08 -20.42
N GLU B 384 -0.07 2.43 -20.33
CA GLU B 384 0.42 3.63 -21.04
C GLU B 384 -0.09 3.65 -22.51
N ASN B 385 0.02 2.51 -23.21
CA ASN B 385 -0.27 2.38 -24.64
C ASN B 385 -1.65 1.91 -25.04
#